data_4ZOM
#
_entry.id   4ZOM
#
_cell.length_a   99.422
_cell.length_b   99.422
_cell.length_c   129.439
_cell.angle_alpha   90.000
_cell.angle_beta   90.000
_cell.angle_gamma   120.000
#
_symmetry.space_group_name_H-M   'P 31'
#
loop_
_entity.id
_entity.type
_entity.pdbx_description
1 polymer 'Nuclear receptor ROR-gamma'
2 non-polymer N-{4-[3-(acetylamino)-1-(propan-2-yl)-1H-pyrazol-5-yl]-2-[(1R,5S)-3-azabicyclo[3.1.0]hex-3-yl]phenyl}-2-chloro-6-fluoro-N-methylbenzamide
3 water water
#
_entity_poly.entity_id   1
_entity_poly.type   'polypeptide(L)'
_entity_poly.pdbx_seq_one_letter_code
;GSASLTEIEHLVQSVCKSYRETCQLRLEDLLRQRSNIFSREEVTGYQRKSMWEMWERCAHHLTEAIQYVVEFAKRLSGFM
ELCQNDQIVLLKAGAMEVVLVRMCRAYNADNRTVFFEGKYGGMELFRALGCSELISSIFDFSHSLSALHFSEDEIALYTA
LVLINAHRPGLQEKRKVEQLQYNLELAFHHHLCKTHRQSILAKLPPKGKLRSLCSQHVERLQIFQ
;
_entity_poly.pdbx_strand_id   A,B,C,D
#
loop_
_chem_comp.id
_chem_comp.type
_chem_comp.name
_chem_comp.formula
4Q3 non-polymer N-{4-[3-(acetylamino)-1-(propan-2-yl)-1H-pyrazol-5-yl]-2-[(1R,5S)-3-azabicyclo[3.1.0]hex-3-yl]phenyl}-2-chloro-6-fluoro-N-methylbenzamide 'C27 H29 Cl F N5 O2'
#
# COMPACT_ATOMS: atom_id res chain seq x y z
N ALA A 3 2.69 -12.21 -28.35
CA ALA A 3 2.22 -11.66 -27.03
C ALA A 3 0.71 -11.95 -26.74
N SER A 4 0.40 -13.10 -26.10
CA SER A 4 -0.93 -13.77 -26.03
C SER A 4 -2.12 -13.09 -25.22
N LEU A 5 -3.28 -13.83 -25.07
CA LEU A 5 -4.56 -13.33 -24.58
C LEU A 5 -4.82 -13.41 -23.09
N THR A 6 -4.52 -14.58 -22.51
CA THR A 6 -4.58 -14.70 -21.06
C THR A 6 -3.65 -13.60 -20.53
N GLU A 7 -2.65 -13.31 -21.31
CA GLU A 7 -1.64 -12.40 -21.00
C GLU A 7 -2.06 -10.86 -21.21
N ILE A 8 -2.94 -10.56 -22.13
CA ILE A 8 -3.46 -9.18 -22.18
C ILE A 8 -4.53 -9.04 -21.06
N GLU A 9 -5.28 -10.10 -20.73
CA GLU A 9 -6.20 -10.09 -19.59
C GLU A 9 -5.49 -9.65 -18.29
N HIS A 10 -4.27 -10.18 -18.09
N HIS A 10 -4.27 -10.14 -18.11
CA HIS A 10 -3.45 -9.81 -16.96
CA HIS A 10 -3.43 -9.77 -17.00
C HIS A 10 -3.00 -8.31 -17.14
C HIS A 10 -2.98 -8.30 -17.14
N LEU A 11 -2.60 -7.94 -18.37
CA LEU A 11 -2.26 -6.55 -18.75
C LEU A 11 -3.43 -5.53 -18.40
N VAL A 12 -4.66 -5.91 -18.65
CA VAL A 12 -5.81 -5.10 -18.35
C VAL A 12 -5.91 -4.92 -16.79
N GLN A 13 -5.96 -6.07 -16.09
CA GLN A 13 -5.98 -6.03 -14.65
C GLN A 13 -4.84 -5.22 -14.09
N SER A 14 -3.67 -5.32 -14.67
CA SER A 14 -2.50 -4.66 -14.14
C SER A 14 -2.48 -3.10 -14.27
N VAL A 15 -2.72 -2.63 -15.49
CA VAL A 15 -2.97 -1.31 -15.79
C VAL A 15 -4.05 -0.71 -14.87
N CYS A 16 -5.20 -1.30 -14.79
CA CYS A 16 -6.27 -0.86 -13.93
C CYS A 16 -5.86 -0.71 -12.43
N LYS A 17 -5.06 -1.63 -11.93
CA LYS A 17 -4.41 -1.54 -10.66
C LYS A 17 -3.48 -0.38 -10.55
N SER A 18 -2.49 -0.24 -11.44
CA SER A 18 -1.60 0.98 -11.40
C SER A 18 -2.38 2.29 -11.37
N TYR A 19 -3.45 2.37 -12.07
CA TYR A 19 -4.21 3.59 -12.14
C TYR A 19 -4.75 3.80 -10.73
N ARG A 20 -5.45 2.79 -10.23
CA ARG A 20 -6.02 2.89 -8.96
C ARG A 20 -4.96 3.23 -7.85
N GLU A 21 -3.72 2.81 -7.99
CA GLU A 21 -2.74 3.03 -7.03
C GLU A 21 -2.00 4.37 -7.17
N THR A 22 -2.36 5.19 -8.17
CA THR A 22 -1.73 6.44 -8.48
C THR A 22 -2.77 7.47 -8.79
N CYS A 23 -4.07 7.26 -8.53
CA CYS A 23 -5.06 8.30 -8.87
C CYS A 23 -5.20 9.35 -7.85
N GLN A 24 -4.40 9.36 -6.78
CA GLN A 24 -4.32 10.61 -6.02
C GLN A 24 -5.59 11.07 -5.21
N LEU A 25 -6.75 11.21 -5.88
CA LEU A 25 -8.07 11.39 -5.21
C LEU A 25 -9.00 10.23 -5.59
N ARG A 26 -9.59 9.56 -4.60
CA ARG A 26 -10.52 8.43 -4.89
C ARG A 26 -11.78 8.94 -5.43
N LEU A 27 -12.30 8.21 -6.46
CA LEU A 27 -13.60 8.54 -7.03
C LEU A 27 -14.75 8.71 -6.07
N GLU A 28 -14.70 7.88 -5.04
CA GLU A 28 -15.80 7.80 -4.04
C GLU A 28 -15.90 9.18 -3.35
N ASP A 29 -14.72 9.71 -2.98
CA ASP A 29 -14.63 10.99 -2.25
C ASP A 29 -15.06 12.13 -3.14
N LEU A 30 -14.58 12.14 -4.36
CA LEU A 30 -15.03 13.15 -5.25
C LEU A 30 -16.52 13.17 -5.39
N LEU A 31 -17.12 11.99 -5.64
CA LEU A 31 -18.61 11.85 -5.76
C LEU A 31 -19.37 12.35 -4.41
N ARG A 32 -18.83 11.99 -3.29
CA ARG A 32 -19.41 12.27 -2.08
C ARG A 32 -19.37 13.77 -1.87
N GLN A 33 -18.28 14.42 -2.27
CA GLN A 33 -18.08 15.81 -1.99
C GLN A 33 -18.77 16.70 -2.93
N ARG A 34 -19.52 16.15 -3.86
CA ARG A 34 -20.16 16.98 -4.84
C ARG A 34 -21.09 18.06 -4.19
N SER A 35 -21.71 17.72 -3.05
CA SER A 35 -22.70 18.52 -2.39
C SER A 35 -21.93 19.71 -1.75
N ASN A 36 -20.64 19.52 -1.45
CA ASN A 36 -19.80 20.52 -0.79
C ASN A 36 -19.30 21.61 -1.89
N ILE A 37 -20.05 22.72 -2.01
CA ILE A 37 -19.91 23.74 -3.01
C ILE A 37 -19.31 24.96 -2.28
N PHE A 38 -18.57 25.80 -3.05
CA PHE A 38 -17.96 27.04 -2.52
C PHE A 38 -19.13 28.05 -2.38
N SER A 39 -19.20 28.73 -1.23
CA SER A 39 -20.19 29.85 -1.05
C SER A 39 -19.81 31.05 -1.98
N ARG A 40 -20.81 31.88 -2.26
CA ARG A 40 -20.63 33.22 -2.79
C ARG A 40 -19.47 33.96 -2.16
N GLU A 41 -19.28 33.93 -0.85
CA GLU A 41 -18.05 34.57 -0.26
C GLU A 41 -16.72 33.86 -0.50
N GLU A 42 -16.71 32.56 -0.42
CA GLU A 42 -15.42 31.85 -0.62
C GLU A 42 -14.89 32.04 -2.09
N VAL A 43 -15.78 32.13 -3.06
CA VAL A 43 -15.50 32.40 -4.39
C VAL A 43 -14.84 33.85 -4.55
N THR A 44 -15.47 34.85 -3.99
CA THR A 44 -14.95 36.18 -3.95
C THR A 44 -13.52 36.11 -3.39
N GLY A 45 -13.29 35.39 -2.31
CA GLY A 45 -11.95 35.28 -1.85
C GLY A 45 -10.94 34.85 -2.82
N TYR A 46 -11.24 33.80 -3.58
CA TYR A 46 -10.37 33.32 -4.62
C TYR A 46 -10.21 34.30 -5.72
N GLN A 47 -11.33 34.93 -6.16
CA GLN A 47 -11.29 35.97 -7.23
C GLN A 47 -10.43 37.23 -6.88
N ARG A 48 -10.14 37.43 -5.56
CA ARG A 48 -9.46 38.67 -5.13
C ARG A 48 -8.02 38.47 -5.21
N LYS A 49 -7.54 37.22 -5.26
CA LYS A 49 -6.13 37.02 -5.05
C LYS A 49 -5.48 37.29 -6.27
N SER A 50 -4.20 37.51 -6.25
CA SER A 50 -3.55 37.83 -7.39
C SER A 50 -3.35 36.56 -8.35
N MET A 51 -3.23 36.83 -9.62
CA MET A 51 -2.83 35.83 -10.55
C MET A 51 -1.66 35.02 -10.01
N TRP A 52 -0.77 35.69 -9.21
CA TRP A 52 0.47 35.08 -8.83
C TRP A 52 0.25 34.03 -7.70
N GLU A 53 -0.60 34.31 -6.74
CA GLU A 53 -0.98 33.43 -5.74
C GLU A 53 -1.94 32.27 -6.34
N MET A 54 -2.78 32.59 -7.35
CA MET A 54 -3.53 31.53 -7.93
C MET A 54 -2.59 30.53 -8.58
N TRP A 55 -1.66 31.05 -9.37
CA TRP A 55 -0.72 30.39 -10.00
C TRP A 55 0.14 29.53 -9.19
N GLU A 56 0.68 30.02 -8.09
CA GLU A 56 1.38 29.17 -7.19
C GLU A 56 0.56 27.93 -6.72
N ARG A 57 -0.61 28.14 -6.20
CA ARG A 57 -1.49 27.10 -5.83
C ARG A 57 -1.73 26.09 -6.96
N CYS A 58 -2.01 26.62 -8.17
CA CYS A 58 -2.32 25.81 -9.37
C CYS A 58 -1.08 25.07 -9.77
N ALA A 59 0.09 25.67 -9.78
CA ALA A 59 1.26 24.99 -10.25
C ALA A 59 1.73 23.91 -9.33
N HIS A 60 1.59 24.11 -8.03
CA HIS A 60 1.92 23.10 -7.09
C HIS A 60 0.94 21.84 -7.37
N HIS A 61 -0.34 22.04 -7.51
CA HIS A 61 -1.32 20.95 -7.72
C HIS A 61 -1.00 20.22 -9.01
N LEU A 62 -0.54 20.92 -10.03
CA LEU A 62 -0.15 20.31 -11.26
C LEU A 62 1.06 19.45 -11.18
N THR A 63 2.03 19.92 -10.37
CA THR A 63 3.31 19.22 -10.30
C THR A 63 3.14 17.89 -9.53
N GLU A 64 2.34 17.90 -8.47
CA GLU A 64 1.86 16.72 -7.79
C GLU A 64 1.12 15.77 -8.74
N ALA A 65 0.21 16.32 -9.59
CA ALA A 65 -0.54 15.49 -10.53
C ALA A 65 0.39 14.83 -11.51
N ILE A 66 1.35 15.56 -12.02
CA ILE A 66 2.31 15.00 -13.06
C ILE A 66 3.08 13.85 -12.42
N GLN A 67 3.60 14.12 -11.20
CA GLN A 67 4.22 13.12 -10.39
C GLN A 67 3.44 11.79 -10.38
N TYR A 68 2.20 11.84 -10.14
CA TYR A 68 1.33 10.71 -10.21
C TYR A 68 1.22 10.11 -11.55
N VAL A 69 1.05 10.88 -12.59
CA VAL A 69 1.13 10.36 -13.97
C VAL A 69 2.39 9.73 -14.24
N VAL A 70 3.47 10.20 -13.69
CA VAL A 70 4.81 9.60 -14.05
C VAL A 70 4.89 8.26 -13.29
N GLU A 71 4.44 8.23 -12.03
CA GLU A 71 4.34 6.97 -11.35
C GLU A 71 3.58 5.92 -12.15
N PHE A 72 2.40 6.28 -12.71
CA PHE A 72 1.51 5.43 -13.49
C PHE A 72 2.20 4.85 -14.63
N ALA A 73 2.96 5.64 -15.31
CA ALA A 73 3.65 5.20 -16.51
C ALA A 73 4.64 4.18 -16.15
N LYS A 74 5.36 4.49 -15.03
CA LYS A 74 6.50 3.66 -14.60
C LYS A 74 5.98 2.29 -14.17
N ARG A 75 4.74 2.19 -13.72
CA ARG A 75 4.20 0.84 -13.47
C ARG A 75 3.53 0.11 -14.68
N LEU A 76 3.57 0.63 -15.92
CA LEU A 76 2.95 -0.06 -17.07
C LEU A 76 4.00 -0.98 -17.68
N SER A 77 3.49 -2.14 -18.18
CA SER A 77 4.42 -3.22 -18.56
C SER A 77 5.31 -2.73 -19.62
N GLY A 78 6.62 -3.01 -19.50
CA GLY A 78 7.54 -2.52 -20.54
C GLY A 78 7.95 -1.08 -20.58
N PHE A 79 7.30 -0.16 -19.87
CA PHE A 79 7.65 1.23 -19.94
C PHE A 79 9.13 1.46 -19.44
N MET A 80 9.42 0.83 -18.34
CA MET A 80 10.74 0.99 -17.67
C MET A 80 11.87 0.31 -18.40
N GLU A 81 11.54 -0.53 -19.43
CA GLU A 81 12.51 -1.26 -20.22
C GLU A 81 12.87 -0.47 -21.45
N LEU A 82 12.13 0.54 -21.75
CA LEU A 82 12.38 1.48 -22.92
C LEU A 82 13.51 2.26 -22.51
N CYS A 83 14.18 2.90 -23.46
CA CYS A 83 15.37 3.71 -23.01
C CYS A 83 14.87 5.01 -22.35
N GLN A 84 15.75 5.59 -21.56
CA GLN A 84 15.48 6.85 -20.89
C GLN A 84 15.00 7.97 -21.83
N ASN A 85 15.73 8.26 -22.91
CA ASN A 85 15.27 9.33 -23.85
C ASN A 85 13.80 9.08 -24.27
N ASP A 86 13.46 7.78 -24.56
CA ASP A 86 12.07 7.41 -24.95
C ASP A 86 11.09 7.49 -23.81
N GLN A 87 11.48 6.99 -22.65
CA GLN A 87 10.68 7.31 -21.40
C GLN A 87 10.28 8.78 -21.28
N ILE A 88 11.28 9.61 -21.49
CA ILE A 88 11.07 11.05 -21.29
C ILE A 88 10.19 11.58 -22.33
N VAL A 89 10.48 11.28 -23.59
CA VAL A 89 9.70 11.82 -24.77
C VAL A 89 8.23 11.48 -24.66
N LEU A 90 7.93 10.25 -24.23
CA LEU A 90 6.47 9.87 -24.00
C LEU A 90 5.89 10.69 -22.87
N LEU A 91 6.64 10.79 -21.76
CA LEU A 91 6.05 11.65 -20.59
C LEU A 91 5.87 13.04 -20.92
N LYS A 92 6.86 13.60 -21.62
CA LYS A 92 6.84 15.07 -21.99
C LYS A 92 5.71 15.35 -22.88
N ALA A 93 5.43 14.44 -23.77
CA ALA A 93 4.33 14.62 -24.75
C ALA A 93 2.87 14.30 -24.19
N GLY A 94 2.78 13.28 -23.35
CA GLY A 94 1.51 12.86 -22.84
C GLY A 94 1.05 13.27 -21.47
N ALA A 95 1.97 13.61 -20.58
CA ALA A 95 1.63 13.74 -19.17
C ALA A 95 0.47 14.71 -18.89
N MET A 96 0.55 15.86 -19.47
CA MET A 96 -0.44 16.88 -19.23
C MET A 96 -1.74 16.57 -19.92
N GLU A 97 -1.65 15.89 -21.08
CA GLU A 97 -2.88 15.30 -21.66
C GLU A 97 -3.59 14.29 -20.68
N VAL A 98 -2.80 13.39 -20.06
CA VAL A 98 -3.38 12.48 -19.06
C VAL A 98 -3.95 13.31 -17.89
N VAL A 99 -3.26 14.34 -17.45
CA VAL A 99 -3.73 15.16 -16.29
C VAL A 99 -5.13 15.66 -16.69
N LEU A 100 -5.19 16.22 -17.91
CA LEU A 100 -6.45 16.73 -18.38
C LEU A 100 -7.54 15.69 -18.40
N VAL A 101 -7.24 14.46 -18.95
CA VAL A 101 -8.31 13.49 -18.95
C VAL A 101 -8.66 13.12 -17.47
N ARG A 102 -7.69 12.94 -16.61
CA ARG A 102 -8.01 12.64 -15.22
C ARG A 102 -8.87 13.73 -14.52
N MET A 103 -8.74 14.97 -14.90
CA MET A 103 -9.72 16.02 -14.41
C MET A 103 -11.21 15.75 -14.53
N CYS A 104 -11.64 15.03 -15.55
CA CYS A 104 -13.06 14.80 -15.75
C CYS A 104 -13.75 14.05 -14.61
N ARG A 105 -13.01 13.34 -13.79
CA ARG A 105 -13.56 12.67 -12.60
C ARG A 105 -13.89 13.53 -11.50
N ALA A 106 -13.26 14.74 -11.51
CA ALA A 106 -13.45 15.77 -10.43
C ALA A 106 -14.51 16.86 -10.93
N TYR A 107 -15.05 16.69 -12.10
CA TYR A 107 -15.95 17.61 -12.68
C TYR A 107 -17.37 17.08 -12.53
N ASN A 108 -18.32 18.01 -12.36
CA ASN A 108 -19.75 17.67 -12.08
C ASN A 108 -20.64 18.40 -13.07
N ALA A 109 -21.08 17.63 -14.09
CA ALA A 109 -21.95 18.08 -15.08
C ALA A 109 -23.25 18.62 -14.51
N ASP A 110 -23.62 18.34 -13.25
CA ASP A 110 -24.97 18.72 -12.74
C ASP A 110 -25.01 20.21 -12.85
N ASN A 111 -23.95 20.86 -12.35
CA ASN A 111 -23.97 22.31 -12.03
C ASN A 111 -22.74 23.10 -12.60
N ARG A 112 -22.12 22.61 -13.67
CA ARG A 112 -20.83 23.06 -14.21
C ARG A 112 -19.68 23.42 -13.23
N THR A 113 -19.37 22.52 -12.36
CA THR A 113 -18.37 22.74 -11.31
C THR A 113 -17.32 21.64 -11.27
N VAL A 114 -16.20 21.98 -10.64
CA VAL A 114 -15.03 21.14 -10.56
C VAL A 114 -14.62 21.22 -9.17
N PHE A 115 -13.96 20.17 -8.67
CA PHE A 115 -13.39 20.17 -7.36
C PHE A 115 -12.05 20.87 -7.34
N PHE A 116 -11.78 21.67 -6.29
CA PHE A 116 -10.47 22.34 -6.22
C PHE A 116 -10.33 22.76 -4.74
N GLU A 117 -9.27 22.33 -4.09
CA GLU A 117 -9.00 22.72 -2.76
C GLU A 117 -10.22 22.52 -1.82
N GLY A 118 -10.78 21.31 -1.82
CA GLY A 118 -11.60 20.93 -0.70
C GLY A 118 -12.99 21.19 -1.09
N LYS A 119 -13.30 21.95 -2.15
CA LYS A 119 -14.66 22.09 -2.56
C LYS A 119 -14.89 22.18 -3.99
N TYR A 120 -16.14 22.24 -4.49
CA TYR A 120 -16.57 22.33 -5.85
C TYR A 120 -16.96 23.78 -6.30
N GLY A 121 -16.62 24.18 -7.54
CA GLY A 121 -16.53 25.66 -7.91
C GLY A 121 -16.67 25.79 -9.43
N GLY A 122 -17.40 26.78 -9.89
CA GLY A 122 -17.53 27.04 -11.32
C GLY A 122 -16.31 27.69 -11.86
N MET A 123 -16.27 27.93 -13.20
CA MET A 123 -15.17 28.57 -13.83
C MET A 123 -14.74 29.98 -13.27
N GLU A 124 -15.69 30.65 -12.63
CA GLU A 124 -15.51 31.99 -12.07
C GLU A 124 -14.57 31.96 -10.91
N LEU A 125 -14.48 30.87 -10.19
CA LEU A 125 -13.39 30.71 -9.23
C LEU A 125 -11.97 31.14 -9.73
N PHE A 126 -11.64 30.85 -11.00
CA PHE A 126 -10.35 31.02 -11.57
C PHE A 126 -10.20 32.33 -12.37
N ARG A 127 -11.05 33.30 -12.18
CA ARG A 127 -11.00 34.66 -12.85
C ARG A 127 -9.72 35.45 -12.64
N ALA A 128 -9.01 35.39 -11.50
CA ALA A 128 -7.78 36.21 -11.52
C ALA A 128 -6.69 35.68 -12.49
N LEU A 129 -6.88 34.52 -13.07
CA LEU A 129 -5.86 33.94 -13.94
C LEU A 129 -5.89 34.64 -15.21
N GLY A 130 -7.01 35.29 -15.53
CA GLY A 130 -7.11 35.96 -16.79
C GLY A 130 -7.02 35.07 -18.01
N CYS A 131 -7.55 33.80 -17.88
CA CYS A 131 -7.56 32.77 -18.93
C CYS A 131 -8.93 32.16 -19.15
N SER A 132 -9.96 32.95 -19.26
CA SER A 132 -11.36 32.57 -19.42
C SER A 132 -11.56 31.62 -20.62
N GLU A 133 -10.90 31.94 -21.76
CA GLU A 133 -11.00 31.13 -22.95
C GLU A 133 -10.52 29.66 -22.69
N LEU A 134 -9.27 29.54 -22.32
CA LEU A 134 -8.66 28.27 -21.94
C LEU A 134 -9.45 27.55 -20.84
N ILE A 135 -9.82 28.26 -19.80
CA ILE A 135 -10.54 27.55 -18.71
C ILE A 135 -11.81 27.04 -19.25
N SER A 136 -12.48 27.88 -19.97
CA SER A 136 -13.76 27.56 -20.56
C SER A 136 -13.67 26.38 -21.49
N SER A 137 -12.69 26.33 -22.39
CA SER A 137 -12.53 25.11 -23.20
C SER A 137 -12.11 23.73 -22.37
N ILE A 138 -11.41 23.91 -21.22
CA ILE A 138 -11.25 22.82 -20.25
C ILE A 138 -12.50 22.34 -19.60
N PHE A 139 -13.29 23.25 -19.11
CA PHE A 139 -14.67 22.89 -18.75
C PHE A 139 -15.44 22.17 -19.87
N ASP A 140 -15.33 22.55 -21.14
CA ASP A 140 -16.16 21.88 -22.22
C ASP A 140 -15.65 20.48 -22.53
N PHE A 141 -14.35 20.31 -22.56
CA PHE A 141 -13.78 18.98 -22.71
C PHE A 141 -14.14 18.08 -21.53
N SER A 142 -13.86 18.48 -20.32
CA SER A 142 -14.41 17.80 -19.19
C SER A 142 -15.90 17.51 -19.26
N HIS A 143 -16.74 18.35 -19.84
CA HIS A 143 -18.20 18.13 -19.84
C HIS A 143 -18.64 17.00 -20.80
N SER A 144 -18.22 17.12 -22.01
CA SER A 144 -18.51 16.12 -23.05
C SER A 144 -17.77 14.75 -22.84
N LEU A 145 -16.91 14.71 -21.84
CA LEU A 145 -16.26 13.48 -21.39
C LEU A 145 -17.06 12.86 -20.30
N SER A 146 -17.64 13.69 -19.43
CA SER A 146 -18.53 13.26 -18.33
C SER A 146 -19.77 12.52 -18.83
N ALA A 147 -20.13 12.71 -20.09
CA ALA A 147 -21.31 12.07 -20.74
C ALA A 147 -21.12 10.58 -21.11
N LEU A 148 -19.89 10.22 -21.33
CA LEU A 148 -19.54 8.84 -21.50
C LEU A 148 -19.59 8.01 -20.21
N HIS A 149 -19.68 8.63 -19.03
CA HIS A 149 -19.65 7.94 -17.80
C HIS A 149 -18.53 6.88 -17.75
N PHE A 150 -17.35 7.34 -17.94
CA PHE A 150 -16.20 6.63 -17.98
C PHE A 150 -15.86 5.96 -16.66
N SER A 151 -15.77 4.61 -16.71
CA SER A 151 -15.48 3.94 -15.50
C SER A 151 -14.11 4.17 -15.20
N GLU A 152 -13.69 3.79 -13.99
CA GLU A 152 -12.24 4.03 -13.65
C GLU A 152 -11.28 3.21 -14.53
N ASP A 153 -11.70 2.03 -14.90
CA ASP A 153 -10.89 1.14 -15.70
C ASP A 153 -10.71 1.56 -17.16
N GLU A 154 -11.68 2.17 -17.73
CA GLU A 154 -11.69 2.75 -19.07
C GLU A 154 -10.75 3.96 -19.13
N ILE A 155 -10.76 4.85 -18.17
CA ILE A 155 -9.80 5.87 -18.06
C ILE A 155 -8.45 5.35 -17.94
N ALA A 156 -8.26 4.31 -17.12
CA ALA A 156 -6.89 3.82 -16.98
C ALA A 156 -6.47 3.30 -18.21
N LEU A 157 -7.30 2.55 -18.92
CA LEU A 157 -6.81 2.02 -20.20
C LEU A 157 -6.61 3.14 -21.28
N TYR A 158 -7.51 4.09 -21.37
CA TYR A 158 -7.42 5.18 -22.26
C TYR A 158 -6.20 6.11 -22.04
N THR A 159 -5.87 6.44 -20.80
CA THR A 159 -4.70 7.19 -20.51
C THR A 159 -3.42 6.43 -20.69
N ALA A 160 -3.45 5.12 -20.46
CA ALA A 160 -2.27 4.30 -20.87
C ALA A 160 -2.01 4.45 -22.36
N LEU A 161 -3.04 4.56 -23.14
CA LEU A 161 -2.87 4.81 -24.60
C LEU A 161 -2.53 6.23 -25.02
N VAL A 162 -2.92 7.22 -24.20
CA VAL A 162 -2.50 8.55 -24.35
C VAL A 162 -0.92 8.59 -24.24
N LEU A 163 -0.39 7.98 -23.21
CA LEU A 163 1.04 8.01 -22.97
C LEU A 163 1.76 7.15 -23.97
N ILE A 164 1.31 5.93 -24.15
CA ILE A 164 2.08 4.94 -25.00
C ILE A 164 1.65 5.03 -26.48
N ASN A 165 2.37 5.88 -27.25
CA ASN A 165 2.04 6.30 -28.55
C ASN A 165 3.40 6.42 -29.39
N ALA A 166 3.56 5.61 -30.45
CA ALA A 166 4.77 5.45 -31.14
C ALA A 166 4.94 6.49 -32.20
N HIS A 167 4.00 7.37 -32.32
CA HIS A 167 4.02 8.49 -33.31
C HIS A 167 4.51 9.83 -32.66
N ARG A 168 4.79 9.83 -31.34
CA ARG A 168 5.47 10.99 -30.72
C ARG A 168 6.85 11.30 -31.50
N PRO A 169 7.00 12.50 -32.06
CA PRO A 169 8.32 12.86 -32.67
C PRO A 169 9.46 12.86 -31.61
N GLY A 170 10.57 12.22 -31.95
CA GLY A 170 11.71 12.23 -31.04
C GLY A 170 12.14 10.81 -30.68
N LEU A 171 11.29 9.80 -30.96
CA LEU A 171 11.52 8.42 -30.43
C LEU A 171 12.57 7.81 -31.22
N GLN A 172 13.31 6.93 -30.57
CA GLN A 172 14.51 6.43 -31.14
C GLN A 172 14.47 4.94 -31.28
N GLU A 173 13.89 4.23 -30.31
CA GLU A 173 13.42 2.86 -30.51
C GLU A 173 11.88 2.81 -30.80
N LYS A 174 11.44 3.46 -31.85
CA LYS A 174 9.99 3.44 -32.22
C LYS A 174 9.30 2.04 -32.12
N ARG A 175 9.97 1.03 -32.62
CA ARG A 175 9.39 -0.33 -32.69
C ARG A 175 9.13 -0.96 -31.34
N LYS A 176 9.88 -0.56 -30.33
CA LYS A 176 9.58 -1.13 -29.05
C LYS A 176 8.34 -0.44 -28.35
N VAL A 177 8.07 0.79 -28.73
CA VAL A 177 6.91 1.56 -28.29
C VAL A 177 5.66 1.01 -28.97
N GLU A 178 5.76 0.78 -30.27
CA GLU A 178 4.73 0.21 -31.15
C GLU A 178 4.25 -0.96 -30.55
N GLN A 179 5.16 -1.78 -30.04
CA GLN A 179 4.79 -3.10 -29.51
C GLN A 179 4.11 -3.06 -28.15
N LEU A 180 4.47 -2.11 -27.32
CA LEU A 180 3.68 -1.79 -26.14
C LEU A 180 2.29 -1.18 -26.58
N GLN A 181 2.29 -0.30 -27.56
CA GLN A 181 1.04 0.36 -27.92
C GLN A 181 -0.05 -0.60 -28.44
N TYR A 182 0.37 -1.46 -29.39
CA TYR A 182 -0.40 -2.58 -29.88
C TYR A 182 -0.98 -3.46 -28.86
N ASN A 183 -0.20 -3.91 -27.91
CA ASN A 183 -0.78 -4.76 -26.86
C ASN A 183 -1.77 -4.03 -26.01
N LEU A 184 -1.48 -2.78 -25.68
CA LEU A 184 -2.44 -1.93 -24.92
C LEU A 184 -3.71 -1.66 -25.70
N GLU A 185 -3.63 -1.52 -27.02
CA GLU A 185 -4.86 -1.24 -27.85
C GLU A 185 -5.77 -2.49 -27.77
N LEU A 186 -5.21 -3.67 -28.02
CA LEU A 186 -5.91 -4.90 -27.90
C LEU A 186 -6.53 -5.10 -26.57
N ALA A 187 -5.77 -4.85 -25.50
CA ALA A 187 -6.32 -4.90 -24.23
C ALA A 187 -7.54 -4.01 -23.99
N PHE A 188 -7.47 -2.78 -24.44
CA PHE A 188 -8.64 -1.89 -24.29
C PHE A 188 -9.85 -2.45 -25.07
N HIS A 189 -9.57 -2.87 -26.28
CA HIS A 189 -10.66 -3.38 -27.11
C HIS A 189 -11.23 -4.52 -26.42
N HIS A 190 -10.33 -5.46 -25.91
CA HIS A 190 -10.84 -6.69 -25.37
C HIS A 190 -11.64 -6.40 -24.14
N HIS A 191 -11.12 -5.56 -23.20
CA HIS A 191 -11.95 -5.14 -22.06
C HIS A 191 -13.26 -4.46 -22.37
N LEU A 192 -13.30 -3.57 -23.38
CA LEU A 192 -14.62 -3.18 -23.87
C LEU A 192 -15.56 -4.25 -24.30
N CYS A 193 -15.05 -5.31 -24.93
CA CYS A 193 -15.89 -6.40 -25.26
C CYS A 193 -16.30 -7.19 -24.07
N LYS A 194 -15.42 -7.52 -23.17
CA LYS A 194 -15.88 -8.15 -21.88
C LYS A 194 -16.94 -7.39 -21.08
N THR A 195 -17.03 -6.07 -21.23
CA THR A 195 -17.91 -5.22 -20.38
C THR A 195 -19.10 -4.69 -21.23
N HIS A 196 -19.19 -5.03 -22.50
CA HIS A 196 -20.30 -4.61 -23.40
C HIS A 196 -20.29 -3.12 -23.64
N ARG A 197 -19.10 -2.55 -23.75
CA ARG A 197 -18.92 -1.12 -23.72
C ARG A 197 -18.25 -0.65 -24.95
N GLN A 198 -18.30 -1.42 -26.03
CA GLN A 198 -17.74 -1.11 -27.33
C GLN A 198 -18.24 0.20 -27.92
N SER A 199 -19.37 0.63 -27.47
CA SER A 199 -19.98 1.85 -27.92
C SER A 199 -19.10 3.04 -27.65
N ILE A 200 -18.34 2.97 -26.54
CA ILE A 200 -17.57 4.16 -26.18
C ILE A 200 -16.43 4.47 -27.19
N LEU A 201 -15.95 3.54 -27.95
CA LEU A 201 -14.85 3.80 -28.91
C LEU A 201 -15.19 4.96 -29.88
N ALA A 202 -16.35 5.02 -30.46
CA ALA A 202 -16.81 6.13 -31.30
C ALA A 202 -17.09 7.52 -30.49
N LYS A 203 -17.17 7.51 -29.14
CA LYS A 203 -17.42 8.77 -28.34
C LYS A 203 -16.20 9.50 -27.78
N LEU A 204 -15.07 8.91 -27.89
CA LEU A 204 -13.85 9.37 -27.45
C LEU A 204 -13.35 10.57 -28.26
N PRO A 205 -12.61 11.48 -27.61
CA PRO A 205 -12.01 12.67 -28.25
C PRO A 205 -11.55 12.47 -29.68
N PRO A 206 -12.18 13.18 -30.65
CA PRO A 206 -11.53 13.24 -31.99
C PRO A 206 -10.03 13.33 -31.91
N LYS A 207 -9.36 12.62 -32.85
CA LYS A 207 -7.90 12.57 -33.05
C LYS A 207 -7.44 14.02 -33.05
N GLY A 208 -6.57 14.35 -32.09
CA GLY A 208 -6.03 15.71 -31.96
C GLY A 208 -6.71 16.75 -31.07
N LYS A 209 -7.93 16.51 -30.56
CA LYS A 209 -8.57 17.40 -29.69
C LYS A 209 -7.77 17.56 -28.44
N LEU A 210 -7.30 16.42 -27.96
CA LEU A 210 -6.50 16.44 -26.76
C LEU A 210 -5.10 17.14 -26.96
N ARG A 211 -4.35 16.71 -28.01
CA ARG A 211 -3.06 17.35 -28.43
C ARG A 211 -3.15 18.86 -28.37
N SER A 212 -4.12 19.44 -29.07
CA SER A 212 -4.29 20.89 -29.24
C SER A 212 -4.79 21.60 -27.99
N LEU A 213 -5.52 20.91 -27.17
CA LEU A 213 -5.90 21.51 -25.87
C LEU A 213 -4.66 21.54 -24.93
N CYS A 214 -3.78 20.56 -25.11
CA CYS A 214 -2.51 20.55 -24.43
C CYS A 214 -1.46 21.52 -24.98
N SER A 215 -1.42 21.70 -26.29
CA SER A 215 -0.61 22.78 -26.95
C SER A 215 -1.01 24.14 -26.35
N GLN A 216 -2.33 24.32 -26.16
CA GLN A 216 -2.87 25.55 -25.64
C GLN A 216 -2.59 25.72 -24.16
N HIS A 217 -2.62 24.62 -23.39
CA HIS A 217 -2.48 24.63 -21.89
C HIS A 217 -1.00 24.91 -21.51
N VAL A 218 -0.10 24.10 -22.12
CA VAL A 218 1.38 24.19 -21.98
C VAL A 218 1.88 25.64 -22.33
N GLU A 219 1.06 26.36 -23.07
CA GLU A 219 1.34 27.72 -23.43
C GLU A 219 1.44 28.69 -22.27
N ARG A 220 0.72 28.45 -21.19
CA ARG A 220 1.00 29.12 -19.94
C ARG A 220 2.04 28.34 -19.13
N LEU A 221 3.27 28.71 -19.42
CA LEU A 221 4.31 29.15 -18.52
C LEU A 221 4.14 30.62 -18.11
N GLN A 222 3.33 30.79 -17.10
CA GLN A 222 3.51 31.73 -16.03
C GLN A 222 4.74 31.35 -15.24
N ILE A 223 5.25 30.16 -15.50
CA ILE A 223 6.54 29.65 -15.03
C ILE A 223 7.71 30.60 -15.29
N PHE A 224 7.82 31.20 -16.48
CA PHE A 224 8.88 32.17 -16.84
C PHE A 224 9.07 33.29 -15.84
N GLN A 225 7.99 33.83 -15.29
CA GLN A 225 8.05 34.81 -14.21
C GLN A 225 7.94 34.24 -12.76
N ALA B 3 37.70 38.32 -21.35
CA ALA B 3 36.95 38.15 -20.06
C ALA B 3 37.51 39.08 -18.94
N SER B 4 36.75 40.12 -18.61
CA SER B 4 37.18 41.18 -17.67
C SER B 4 37.03 40.94 -16.13
N LEU B 5 37.66 41.80 -15.35
CA LEU B 5 37.50 41.87 -13.91
C LEU B 5 36.03 41.88 -13.56
N THR B 6 35.28 42.77 -14.21
CA THR B 6 33.83 42.93 -14.02
C THR B 6 33.11 41.67 -14.35
N GLU B 7 33.49 40.94 -15.38
CA GLU B 7 32.67 39.83 -15.83
C GLU B 7 32.94 38.65 -14.88
N ILE B 8 34.23 38.37 -14.63
CA ILE B 8 34.62 37.33 -13.69
C ILE B 8 33.97 37.62 -12.34
N GLU B 9 33.96 38.86 -11.93
CA GLU B 9 33.49 39.29 -10.65
C GLU B 9 32.02 39.11 -10.47
N HIS B 10 31.33 39.39 -11.57
CA HIS B 10 29.99 39.19 -11.69
C HIS B 10 29.60 37.67 -11.50
N LEU B 11 30.19 36.79 -12.31
CA LEU B 11 30.01 35.32 -12.19
C LEU B 11 30.24 34.84 -10.74
N VAL B 12 31.26 35.28 -10.07
CA VAL B 12 31.49 34.94 -8.67
C VAL B 12 30.18 35.24 -7.97
N GLN B 13 29.81 36.53 -8.04
CA GLN B 13 28.73 37.09 -7.25
C GLN B 13 27.44 36.37 -7.52
N SER B 14 27.23 36.10 -8.78
CA SER B 14 26.06 35.43 -9.22
C SER B 14 25.93 34.00 -8.55
N VAL B 15 27.01 33.23 -8.54
CA VAL B 15 26.97 31.85 -8.15
C VAL B 15 26.66 31.90 -6.76
N CYS B 16 27.29 32.78 -5.98
CA CYS B 16 27.08 32.96 -4.57
C CYS B 16 25.71 33.34 -4.10
N LYS B 17 24.98 34.06 -4.95
CA LYS B 17 23.64 34.44 -4.71
C LYS B 17 22.79 33.23 -4.98
N SER B 18 22.89 32.61 -6.19
CA SER B 18 22.08 31.42 -6.52
C SER B 18 22.22 30.28 -5.38
N TYR B 19 23.39 30.05 -4.89
CA TYR B 19 23.54 29.12 -3.81
C TYR B 19 22.73 29.61 -2.61
N ARG B 20 22.91 30.88 -2.26
CA ARG B 20 22.21 31.42 -1.14
C ARG B 20 20.67 31.32 -1.26
N GLU B 21 20.14 31.50 -2.46
CA GLU B 21 18.75 31.39 -2.62
C GLU B 21 18.27 29.90 -2.81
N THR B 22 19.17 28.93 -2.69
CA THR B 22 18.87 27.55 -2.95
C THR B 22 19.26 26.61 -1.83
N CYS B 23 19.73 27.12 -0.71
CA CYS B 23 20.34 26.29 0.26
C CYS B 23 19.32 25.62 1.18
N GLN B 24 18.14 26.17 1.36
CA GLN B 24 17.16 25.49 2.20
C GLN B 24 17.35 25.57 3.71
N LEU B 25 18.54 25.19 4.30
CA LEU B 25 18.76 25.40 5.69
C LEU B 25 19.80 26.51 5.75
N ARG B 26 19.42 27.65 6.37
CA ARG B 26 20.20 28.81 6.47
C ARG B 26 21.39 28.53 7.44
N LEU B 27 22.57 28.99 7.12
CA LEU B 27 23.72 28.66 7.96
C LEU B 27 23.63 28.99 9.37
N GLU B 28 23.16 30.20 9.62
CA GLU B 28 22.93 30.76 10.95
C GLU B 28 22.00 29.88 11.79
N ASP B 29 20.96 29.34 11.19
CA ASP B 29 20.06 28.43 11.87
C ASP B 29 20.69 27.05 12.24
N LEU B 30 21.66 26.52 11.46
CA LEU B 30 22.38 25.29 11.76
C LEU B 30 23.37 25.45 12.92
N LEU B 31 24.13 26.57 12.88
CA LEU B 31 25.13 26.89 13.89
C LEU B 31 24.52 27.19 15.26
N ARG B 32 23.43 27.94 15.24
CA ARG B 32 22.72 28.27 16.47
C ARG B 32 22.34 26.97 17.12
N GLN B 33 21.56 26.15 16.38
CA GLN B 33 20.97 24.90 16.88
C GLN B 33 21.90 23.77 17.31
N ARG B 34 23.21 23.93 17.17
CA ARG B 34 24.20 22.97 17.61
C ARG B 34 23.96 22.56 19.09
N SER B 35 23.49 23.51 19.89
CA SER B 35 23.43 23.30 21.29
C SER B 35 22.37 22.29 21.56
N ASN B 36 21.35 22.14 20.68
CA ASN B 36 20.30 21.19 21.02
C ASN B 36 20.46 19.79 20.29
N ILE B 37 20.45 18.76 21.14
CA ILE B 37 21.11 17.47 20.89
C ILE B 37 20.04 16.50 21.28
N PHE B 38 19.81 15.45 20.45
CA PHE B 38 18.74 14.47 20.73
C PHE B 38 19.11 13.82 22.08
N SER B 39 18.13 13.68 22.98
CA SER B 39 18.42 12.99 24.29
C SER B 39 18.52 11.48 23.99
N ARG B 40 19.08 10.72 24.92
CA ARG B 40 19.20 9.26 24.81
C ARG B 40 17.89 8.54 24.42
N GLU B 41 16.79 9.05 24.95
CA GLU B 41 15.50 8.51 24.64
C GLU B 41 15.16 8.72 23.20
N GLU B 42 15.33 9.92 22.69
CA GLU B 42 15.06 10.24 21.30
C GLU B 42 15.97 9.44 20.37
N VAL B 43 17.25 9.28 20.65
CA VAL B 43 18.17 8.47 19.88
C VAL B 43 17.71 7.02 19.84
N THR B 44 17.40 6.45 21.03
CA THR B 44 16.87 5.08 21.16
C THR B 44 15.61 4.99 20.40
N GLY B 45 14.77 6.02 20.41
CA GLY B 45 13.54 5.94 19.55
C GLY B 45 13.74 5.96 17.98
N TYR B 46 14.85 6.48 17.50
CA TYR B 46 15.12 6.37 16.01
C TYR B 46 15.77 5.08 15.78
N GLN B 47 16.57 4.59 16.66
CA GLN B 47 17.14 3.18 16.49
C GLN B 47 16.09 2.07 16.51
N ARG B 48 14.94 2.33 17.12
CA ARG B 48 13.89 1.35 17.15
C ARG B 48 13.17 1.26 15.86
N LYS B 49 13.22 2.28 15.00
CA LYS B 49 12.35 2.28 13.84
C LYS B 49 12.84 1.34 12.92
N SER B 50 12.00 0.86 12.07
CA SER B 50 12.39 -0.09 11.08
C SER B 50 13.38 0.63 10.08
N MET B 51 14.24 -0.13 9.47
CA MET B 51 14.95 0.39 8.30
C MET B 51 14.05 1.00 7.29
N TRP B 52 12.80 0.44 7.18
CA TRP B 52 11.85 1.01 6.17
C TRP B 52 11.33 2.39 6.56
N GLU B 53 11.10 2.64 7.81
CA GLU B 53 10.72 3.92 8.31
C GLU B 53 11.84 4.92 8.16
N MET B 54 13.04 4.55 8.54
CA MET B 54 14.19 5.39 8.29
C MET B 54 14.33 5.70 6.84
N TRP B 55 14.24 4.78 5.92
CA TRP B 55 14.35 5.08 4.52
C TRP B 55 13.32 6.03 4.01
N GLU B 56 12.08 5.87 4.39
CA GLU B 56 11.09 6.78 3.95
C GLU B 56 11.37 8.27 4.36
N ARG B 57 11.76 8.54 5.62
CA ARG B 57 12.08 9.89 6.01
C ARG B 57 13.31 10.37 5.22
N CYS B 58 14.40 9.52 5.16
CA CYS B 58 15.68 9.80 4.54
C CYS B 58 15.54 10.13 3.04
N ALA B 59 14.67 9.42 2.31
CA ALA B 59 14.42 9.64 0.96
C ALA B 59 13.56 10.88 0.75
N HIS B 60 12.66 11.18 1.61
CA HIS B 60 11.97 12.42 1.54
C HIS B 60 12.93 13.69 1.60
N HIS B 61 13.81 13.74 2.62
CA HIS B 61 14.80 14.86 2.76
C HIS B 61 15.81 14.87 1.55
N LEU B 62 16.32 13.74 1.14
CA LEU B 62 17.16 13.62 -0.04
C LEU B 62 16.49 14.08 -1.32
N THR B 63 15.19 13.89 -1.41
CA THR B 63 14.46 14.31 -2.54
C THR B 63 14.34 15.78 -2.55
N GLU B 64 13.99 16.37 -1.47
CA GLU B 64 13.94 17.83 -1.39
C GLU B 64 15.34 18.44 -1.66
N ALA B 65 16.41 17.76 -1.20
CA ALA B 65 17.72 18.27 -1.40
C ALA B 65 18.12 18.22 -2.91
N ILE B 66 17.85 17.16 -3.64
CA ILE B 66 18.16 17.07 -5.09
C ILE B 66 17.42 18.17 -5.78
N GLN B 67 16.12 18.33 -5.46
CA GLN B 67 15.37 19.45 -6.04
C GLN B 67 16.15 20.80 -5.88
N TYR B 68 16.61 21.14 -4.71
CA TYR B 68 17.34 22.40 -4.54
C TYR B 68 18.66 22.44 -5.31
N VAL B 69 19.36 21.31 -5.50
CA VAL B 69 20.57 21.23 -6.36
C VAL B 69 20.23 21.49 -7.84
N VAL B 70 19.16 20.90 -8.25
CA VAL B 70 18.71 21.03 -9.64
C VAL B 70 18.44 22.51 -9.92
N GLU B 71 17.82 23.23 -9.00
CA GLU B 71 17.56 24.65 -9.10
C GLU B 71 18.82 25.54 -9.06
N PHE B 72 19.83 25.15 -8.23
CA PHE B 72 21.08 25.88 -8.17
C PHE B 72 21.63 25.75 -9.55
N ALA B 73 21.48 24.59 -10.18
CA ALA B 73 22.11 24.37 -11.42
C ALA B 73 21.58 25.27 -12.53
N LYS B 74 20.24 25.28 -12.56
CA LYS B 74 19.56 26.06 -13.49
C LYS B 74 19.85 27.57 -13.38
N ARG B 75 20.31 28.09 -12.28
CA ARG B 75 20.81 29.44 -12.19
C ARG B 75 22.32 29.67 -12.53
N LEU B 76 23.05 28.68 -13.02
CA LEU B 76 24.48 28.80 -13.30
C LEU B 76 24.44 29.27 -14.66
N SER B 77 24.90 30.52 -14.84
CA SER B 77 24.86 31.19 -16.18
C SER B 77 25.28 30.18 -17.19
N GLY B 78 24.48 30.03 -18.25
CA GLY B 78 24.85 29.11 -19.34
C GLY B 78 24.38 27.67 -19.10
N PHE B 79 24.00 27.30 -17.86
CA PHE B 79 23.60 25.88 -17.70
C PHE B 79 22.32 25.58 -18.54
N MET B 80 21.34 26.51 -18.59
CA MET B 80 20.05 26.27 -19.30
C MET B 80 20.07 26.43 -20.78
N GLU B 81 21.16 26.97 -21.31
CA GLU B 81 21.38 26.98 -22.77
C GLU B 81 22.22 25.76 -23.20
N LEU B 82 22.53 24.83 -22.25
CA LEU B 82 23.08 23.51 -22.73
C LEU B 82 21.94 22.79 -23.21
N CYS B 83 22.21 21.80 -24.00
CA CYS B 83 21.13 20.91 -24.40
C CYS B 83 20.56 20.18 -23.19
N GLN B 84 19.31 19.80 -23.30
CA GLN B 84 18.65 19.00 -22.26
C GLN B 84 19.33 17.63 -21.95
N ASN B 85 19.86 16.95 -22.92
CA ASN B 85 20.64 15.74 -22.67
C ASN B 85 21.86 16.00 -21.75
N ASP B 86 22.59 17.06 -22.04
CA ASP B 86 23.78 17.39 -21.24
C ASP B 86 23.33 17.91 -19.83
N GLN B 87 22.28 18.73 -19.78
CA GLN B 87 21.75 19.17 -18.50
C GLN B 87 21.62 17.89 -17.61
N ILE B 88 21.06 16.84 -18.23
CA ILE B 88 20.73 15.59 -17.52
C ILE B 88 21.93 14.89 -17.13
N VAL B 89 22.90 14.75 -18.03
CA VAL B 89 24.09 13.99 -17.76
C VAL B 89 24.89 14.61 -16.60
N LEU B 90 25.03 15.91 -16.62
CA LEU B 90 25.61 16.63 -15.49
C LEU B 90 24.94 16.35 -14.12
N LEU B 91 23.64 16.42 -14.08
CA LEU B 91 22.87 16.31 -12.77
C LEU B 91 22.87 14.97 -12.23
N LYS B 92 22.89 13.99 -13.13
CA LYS B 92 22.88 12.56 -12.81
C LYS B 92 24.15 12.16 -12.21
N ALA B 93 25.27 12.61 -12.76
CA ALA B 93 26.57 12.31 -12.16
C ALA B 93 26.91 13.25 -10.97
N GLY B 94 26.29 14.43 -10.92
CA GLY B 94 26.69 15.45 -10.01
C GLY B 94 25.93 15.72 -8.75
N ALA B 95 24.59 15.61 -8.88
CA ALA B 95 23.69 16.13 -7.90
C ALA B 95 23.98 15.56 -6.54
N MET B 96 24.30 14.29 -6.45
CA MET B 96 24.38 13.67 -5.14
C MET B 96 25.71 13.94 -4.49
N GLU B 97 26.73 14.20 -5.32
CA GLU B 97 28.01 14.70 -4.86
C GLU B 97 27.81 16.06 -4.22
N VAL B 98 26.97 16.87 -4.84
CA VAL B 98 26.73 18.27 -4.27
C VAL B 98 25.98 18.17 -3.02
N VAL B 99 25.07 17.22 -2.91
CA VAL B 99 24.34 17.03 -1.59
C VAL B 99 25.33 16.53 -0.51
N LEU B 100 26.31 15.67 -0.85
CA LEU B 100 27.29 15.23 0.10
C LEU B 100 28.13 16.46 0.61
N VAL B 101 28.53 17.35 -0.33
CA VAL B 101 29.35 18.57 0.17
C VAL B 101 28.51 19.48 0.96
N ARG B 102 27.34 19.83 0.50
CA ARG B 102 26.43 20.60 1.33
C ARG B 102 26.11 20.05 2.73
N MET B 103 26.18 18.73 2.89
CA MET B 103 26.11 18.12 4.27
C MET B 103 27.07 18.66 5.28
N CYS B 104 28.29 18.99 4.89
CA CYS B 104 29.25 19.54 5.83
C CYS B 104 28.79 20.74 6.59
N ARG B 105 27.80 21.50 6.08
CA ARG B 105 27.31 22.62 6.82
C ARG B 105 26.61 22.24 8.04
N ALA B 106 25.95 21.02 8.01
CA ALA B 106 25.08 20.62 9.06
C ALA B 106 25.80 19.68 10.05
N TYR B 107 27.07 19.52 9.91
CA TYR B 107 27.85 18.69 10.68
C TYR B 107 28.69 19.52 11.76
N ASN B 108 28.90 18.90 12.93
CA ASN B 108 29.60 19.47 14.05
C ASN B 108 30.82 18.64 14.48
N ALA B 109 32.00 19.14 14.16
CA ALA B 109 33.22 18.47 14.53
C ALA B 109 33.52 18.48 16.10
N ASP B 110 32.92 19.40 16.87
CA ASP B 110 33.13 19.46 18.29
C ASP B 110 32.74 18.15 18.95
N ASN B 111 31.55 17.67 18.58
CA ASN B 111 31.01 16.38 19.16
C ASN B 111 30.68 15.24 18.13
N ARG B 112 30.96 15.46 16.83
CA ARG B 112 30.66 14.55 15.80
C ARG B 112 29.19 14.27 15.63
N THR B 113 28.37 15.27 15.39
CA THR B 113 27.04 15.11 15.19
C THR B 113 26.62 15.85 13.85
N VAL B 114 25.46 15.45 13.37
CA VAL B 114 24.78 16.04 12.17
C VAL B 114 23.45 16.57 12.63
N PHE B 115 22.99 17.71 12.09
CA PHE B 115 21.59 18.10 12.19
C PHE B 115 20.70 17.11 11.44
N PHE B 116 19.53 16.76 11.98
CA PHE B 116 18.58 15.91 11.32
C PHE B 116 17.22 16.07 11.99
N GLU B 117 16.19 16.38 11.26
CA GLU B 117 14.84 16.50 11.76
C GLU B 117 14.76 17.22 13.10
N GLY B 118 15.45 18.38 13.16
CA GLY B 118 15.24 19.31 14.27
C GLY B 118 16.43 19.34 15.18
N LYS B 119 17.22 18.26 15.30
CA LYS B 119 18.37 18.29 16.26
C LYS B 119 19.56 17.57 15.71
N TYR B 120 20.67 17.68 16.45
CA TYR B 120 21.94 17.05 16.20
C TYR B 120 22.06 15.65 16.88
N GLY B 121 22.42 14.62 16.15
CA GLY B 121 22.49 13.24 16.61
C GLY B 121 23.73 12.75 16.00
N GLY B 122 24.40 11.80 16.67
CA GLY B 122 25.57 11.16 16.30
C GLY B 122 25.24 10.14 15.27
N MET B 123 26.23 9.42 14.74
CA MET B 123 25.97 8.40 13.73
C MET B 123 25.10 7.21 14.18
N GLU B 124 25.03 7.03 15.48
CA GLU B 124 24.24 5.93 16.08
C GLU B 124 22.72 6.18 15.83
N LEU B 125 22.34 7.39 15.57
CA LEU B 125 21.00 7.68 15.20
C LEU B 125 20.52 6.83 14.02
N PHE B 126 21.39 6.43 13.10
CA PHE B 126 20.96 5.78 11.90
C PHE B 126 21.19 4.29 11.89
N ARG B 127 21.44 3.68 13.05
CA ARG B 127 21.72 2.28 13.17
C ARG B 127 20.82 1.41 12.41
N ALA B 128 19.47 1.67 12.45
CA ALA B 128 18.49 0.78 11.79
C ALA B 128 18.68 0.67 10.32
N LEU B 129 19.39 1.64 9.67
CA LEU B 129 19.74 1.44 8.27
C LEU B 129 20.64 0.35 8.03
N GLY B 130 21.42 -0.07 9.00
CA GLY B 130 22.41 -1.18 8.77
C GLY B 130 23.47 -0.85 7.71
N CYS B 131 23.95 0.40 7.73
CA CYS B 131 24.87 0.97 6.79
C CYS B 131 26.07 1.74 7.53
N SER B 132 26.49 1.26 8.66
CA SER B 132 27.26 1.98 9.59
C SER B 132 28.71 2.26 8.88
N GLU B 133 29.13 1.49 7.89
CA GLU B 133 30.41 1.73 7.21
C GLU B 133 30.31 2.88 6.25
N LEU B 134 29.34 2.86 5.36
CA LEU B 134 29.00 4.00 4.62
C LEU B 134 28.80 5.30 5.41
N ILE B 135 28.05 5.23 6.47
CA ILE B 135 27.72 6.44 7.32
C ILE B 135 28.97 6.99 8.06
N SER B 136 29.83 6.08 8.54
CA SER B 136 31.13 6.50 9.11
C SER B 136 31.96 7.19 8.03
N SER B 137 31.97 6.70 6.78
CA SER B 137 32.79 7.43 5.63
C SER B 137 32.20 8.82 5.34
N ILE B 138 30.88 8.95 5.50
CA ILE B 138 30.22 10.29 5.31
C ILE B 138 30.46 11.17 6.46
N PHE B 139 30.43 10.69 7.67
CA PHE B 139 30.79 11.55 8.77
C PHE B 139 32.39 11.94 8.68
N ASP B 140 33.26 11.05 8.21
CA ASP B 140 34.70 11.33 8.07
C ASP B 140 34.93 12.29 6.95
N PHE B 141 34.10 12.26 5.93
CA PHE B 141 34.28 13.18 4.87
C PHE B 141 33.78 14.51 5.26
N SER B 142 32.62 14.55 5.94
CA SER B 142 32.16 15.83 6.51
C SER B 142 33.18 16.37 7.60
N HIS B 143 33.72 15.48 8.45
CA HIS B 143 34.76 15.93 9.41
C HIS B 143 35.99 16.60 8.69
N SER B 144 36.40 16.08 7.54
CA SER B 144 37.50 16.62 6.75
C SER B 144 37.20 18.06 6.17
N LEU B 145 36.08 18.28 5.51
CA LEU B 145 35.59 19.63 5.14
C LEU B 145 35.27 20.61 6.21
N SER B 146 34.72 20.16 7.29
CA SER B 146 34.45 21.06 8.42
C SER B 146 35.68 21.81 8.92
N ALA B 147 36.83 21.12 8.91
CA ALA B 147 38.11 21.47 9.45
C ALA B 147 38.80 22.58 8.65
N LEU B 148 38.62 22.61 7.32
CA LEU B 148 38.83 23.82 6.48
C LEU B 148 37.96 25.15 6.80
N HIS B 149 36.90 25.11 7.63
CA HIS B 149 36.07 26.28 7.85
C HIS B 149 35.67 26.83 6.55
N PHE B 150 35.15 25.97 5.73
CA PHE B 150 34.58 26.31 4.44
C PHE B 150 33.53 27.44 4.51
N SER B 151 33.68 28.51 3.73
CA SER B 151 32.72 29.56 3.73
C SER B 151 31.57 29.30 2.81
N GLU B 152 30.47 30.01 3.01
CA GLU B 152 29.38 29.80 2.07
C GLU B 152 29.72 30.03 0.62
N ASP B 153 30.49 31.07 0.34
CA ASP B 153 30.82 31.35 -1.03
C ASP B 153 31.77 30.28 -1.69
N GLU B 154 32.75 29.81 -0.97
CA GLU B 154 33.63 28.70 -1.36
C GLU B 154 32.81 27.46 -1.74
N ILE B 155 31.95 26.99 -0.84
CA ILE B 155 30.94 25.98 -1.16
C ILE B 155 30.16 26.25 -2.36
N ALA B 156 29.66 27.44 -2.55
CA ALA B 156 28.92 27.72 -3.84
C ALA B 156 29.74 27.50 -4.97
N LEU B 157 31.01 27.98 -4.91
CA LEU B 157 31.86 27.87 -6.03
C LEU B 157 32.30 26.50 -6.31
N TYR B 158 32.66 25.84 -5.26
CA TYR B 158 33.15 24.40 -5.35
C TYR B 158 32.10 23.53 -5.92
N THR B 159 30.88 23.76 -5.43
CA THR B 159 29.82 22.92 -5.84
C THR B 159 29.44 23.28 -7.25
N ALA B 160 29.56 24.53 -7.70
CA ALA B 160 29.27 24.74 -9.11
C ALA B 160 30.15 23.94 -9.93
N LEU B 161 31.46 23.83 -9.55
CA LEU B 161 32.42 22.99 -10.35
C LEU B 161 32.28 21.49 -10.25
N VAL B 162 31.67 21.02 -9.16
CA VAL B 162 31.34 19.63 -9.05
C VAL B 162 30.34 19.35 -10.11
N LEU B 163 29.37 20.20 -10.34
CA LEU B 163 28.39 19.96 -11.42
C LEU B 163 28.91 20.19 -12.86
N ILE B 164 29.48 21.39 -13.08
CA ILE B 164 29.97 21.78 -14.41
C ILE B 164 31.39 21.22 -14.71
N ASN B 165 31.43 19.95 -15.22
CA ASN B 165 32.60 19.09 -15.40
C ASN B 165 32.54 18.43 -16.76
N ALA B 166 33.45 18.82 -17.64
CA ALA B 166 33.45 18.26 -18.96
C ALA B 166 33.94 16.83 -19.10
N HIS B 167 34.33 16.15 -18.05
CA HIS B 167 34.80 14.80 -18.20
C HIS B 167 33.77 13.72 -17.90
N ARG B 168 32.51 14.08 -17.60
CA ARG B 168 31.50 13.06 -17.39
C ARG B 168 31.18 12.38 -18.79
N PRO B 169 31.01 11.05 -18.80
CA PRO B 169 30.51 10.31 -20.04
C PRO B 169 29.16 10.79 -20.62
N GLY B 170 29.04 10.80 -21.96
CA GLY B 170 27.74 10.88 -22.55
C GLY B 170 27.44 12.28 -22.95
N LEU B 171 28.35 13.22 -22.59
CA LEU B 171 28.17 14.60 -23.05
C LEU B 171 28.29 14.75 -24.53
N GLN B 172 27.50 15.64 -25.06
CA GLN B 172 27.43 15.77 -26.51
C GLN B 172 28.33 16.92 -26.83
N GLU B 173 27.86 18.11 -26.45
CA GLU B 173 28.56 19.34 -26.72
C GLU B 173 29.65 19.51 -25.59
N LYS B 174 30.58 18.51 -25.47
CA LYS B 174 31.70 18.54 -24.51
C LYS B 174 32.31 19.95 -24.33
N ARG B 175 32.60 20.58 -25.48
CA ARG B 175 33.23 21.92 -25.65
C ARG B 175 32.53 23.05 -24.94
N LYS B 176 31.21 23.22 -25.12
CA LYS B 176 30.49 24.22 -24.34
C LYS B 176 30.58 24.05 -22.79
N VAL B 177 30.59 22.81 -22.31
CA VAL B 177 30.78 22.53 -20.85
C VAL B 177 32.19 22.97 -20.39
N GLU B 178 33.20 22.68 -21.20
CA GLU B 178 34.63 23.08 -20.92
C GLU B 178 34.75 24.46 -20.72
N GLN B 179 33.97 25.24 -21.51
CA GLN B 179 34.06 26.64 -21.51
C GLN B 179 33.48 27.15 -20.29
N LEU B 180 32.30 26.62 -19.88
CA LEU B 180 31.65 27.09 -18.55
C LEU B 180 32.49 26.60 -17.35
N GLN B 181 33.05 25.41 -17.49
CA GLN B 181 34.00 24.80 -16.44
C GLN B 181 35.11 25.68 -16.17
N TYR B 182 35.74 26.16 -17.24
CA TYR B 182 36.90 27.10 -17.10
C TYR B 182 36.50 28.42 -16.56
N ASN B 183 35.40 28.97 -17.05
CA ASN B 183 34.93 30.27 -16.52
C ASN B 183 34.68 30.25 -15.10
N LEU B 184 34.08 29.19 -14.63
CA LEU B 184 33.89 28.92 -13.20
C LEU B 184 35.22 28.69 -12.45
N GLU B 185 36.13 27.93 -13.05
CA GLU B 185 37.52 27.82 -12.35
C GLU B 185 38.19 29.20 -12.23
N LEU B 186 38.07 30.02 -13.21
CA LEU B 186 38.71 31.43 -13.10
C LEU B 186 38.13 32.19 -12.01
N ALA B 187 36.79 32.14 -11.85
CA ALA B 187 36.16 32.78 -10.76
C ALA B 187 36.46 32.29 -9.44
N PHE B 188 36.42 30.96 -9.25
CA PHE B 188 36.86 30.38 -7.95
C PHE B 188 38.27 30.84 -7.57
N HIS B 189 39.20 30.75 -8.52
CA HIS B 189 40.57 31.08 -8.25
C HIS B 189 40.73 32.53 -8.05
N HIS B 190 40.03 33.35 -8.81
CA HIS B 190 40.03 34.77 -8.60
C HIS B 190 39.49 35.08 -7.28
N HIS B 191 38.30 34.57 -6.98
CA HIS B 191 37.72 34.94 -5.67
C HIS B 191 38.59 34.43 -4.59
N LEU B 192 39.06 33.14 -4.67
CA LEU B 192 40.11 32.70 -3.63
C LEU B 192 41.25 33.57 -3.41
N CYS B 193 41.81 34.22 -4.42
CA CYS B 193 42.85 35.29 -4.19
C CYS B 193 42.39 36.61 -3.65
N LYS B 194 41.27 37.12 -4.14
CA LYS B 194 40.56 38.24 -3.47
C LYS B 194 40.37 38.06 -1.97
N THR B 195 40.03 36.85 -1.47
CA THR B 195 39.78 36.60 -0.02
C THR B 195 41.02 35.98 0.77
N HIS B 196 42.18 35.83 0.14
CA HIS B 196 43.39 35.25 0.80
C HIS B 196 43.16 33.79 1.24
N ARG B 197 42.41 33.02 0.45
CA ARG B 197 42.06 31.71 0.82
C ARG B 197 42.63 30.75 -0.26
N GLN B 198 43.73 31.09 -0.85
CA GLN B 198 44.39 30.33 -1.87
C GLN B 198 44.88 29.03 -1.31
N SER B 199 45.16 29.00 0.01
CA SER B 199 45.47 27.83 0.75
C SER B 199 44.46 26.64 0.81
N ILE B 200 43.21 26.86 0.37
CA ILE B 200 42.22 25.74 0.47
C ILE B 200 42.28 24.89 -0.81
N LEU B 201 42.78 25.40 -1.90
CA LEU B 201 42.85 24.53 -3.07
C LEU B 201 43.49 23.22 -2.90
N ALA B 202 44.60 23.16 -2.21
CA ALA B 202 45.31 21.93 -2.07
C ALA B 202 44.65 21.00 -0.94
N LYS B 203 43.81 21.55 -0.12
CA LYS B 203 43.27 20.83 0.99
C LYS B 203 41.83 20.27 0.69
N LEU B 204 41.19 20.71 -0.39
CA LEU B 204 39.99 20.16 -0.77
C LEU B 204 40.22 18.75 -1.09
N PRO B 205 39.34 17.86 -0.58
CA PRO B 205 39.61 16.47 -0.89
C PRO B 205 39.66 16.25 -2.45
N PRO B 206 40.52 15.41 -2.95
CA PRO B 206 40.55 15.17 -4.41
C PRO B 206 39.16 14.71 -5.02
N LYS B 207 38.93 15.04 -6.28
CA LYS B 207 37.68 14.70 -6.94
C LYS B 207 37.31 13.22 -6.83
N GLY B 208 38.32 12.40 -6.95
CA GLY B 208 38.14 10.99 -6.87
C GLY B 208 37.51 10.50 -5.59
N LYS B 209 37.90 11.08 -4.47
CA LYS B 209 37.37 10.68 -3.19
C LYS B 209 35.89 10.91 -3.17
N LEU B 210 35.48 12.06 -3.66
CA LEU B 210 34.10 12.42 -3.70
C LEU B 210 33.32 11.49 -4.60
N ARG B 211 33.81 11.23 -5.79
CA ARG B 211 33.10 10.33 -6.68
C ARG B 211 32.92 8.95 -6.14
N SER B 212 33.95 8.37 -5.53
CA SER B 212 33.83 7.02 -5.04
C SER B 212 32.89 6.94 -3.89
N LEU B 213 32.98 7.89 -3.00
CA LEU B 213 32.08 7.93 -1.88
C LEU B 213 30.65 8.07 -2.34
N CYS B 214 30.45 8.84 -3.39
CA CYS B 214 29.15 9.06 -3.95
C CYS B 214 28.59 7.84 -4.62
N SER B 215 29.41 7.11 -5.37
CA SER B 215 28.92 5.95 -6.05
C SER B 215 28.63 4.92 -5.00
N GLN B 216 29.37 4.95 -3.92
CA GLN B 216 29.16 4.03 -2.85
C GLN B 216 27.81 4.34 -2.23
N HIS B 217 27.58 5.61 -1.99
CA HIS B 217 26.34 6.09 -1.44
C HIS B 217 25.18 5.74 -2.32
N VAL B 218 25.34 5.94 -3.62
CA VAL B 218 24.31 5.70 -4.60
C VAL B 218 24.00 4.23 -4.65
N GLU B 219 25.02 3.40 -4.53
CA GLU B 219 24.87 1.97 -4.53
C GLU B 219 23.94 1.60 -3.40
N ARG B 220 24.06 2.27 -2.28
CA ARG B 220 23.20 1.99 -1.16
C ARG B 220 21.80 2.47 -1.38
N LEU B 221 21.64 3.69 -1.84
CA LEU B 221 20.33 4.22 -2.04
C LEU B 221 19.52 3.44 -3.05
N GLN B 222 20.21 2.76 -3.94
CA GLN B 222 19.52 2.00 -4.95
C GLN B 222 18.97 0.73 -4.38
N ILE B 223 19.65 0.16 -3.39
CA ILE B 223 19.07 -1.04 -2.79
C ILE B 223 17.72 -0.75 -2.07
N PHE B 224 17.59 0.39 -1.44
CA PHE B 224 16.39 0.87 -0.77
C PHE B 224 15.14 1.16 -1.73
N THR C 6 24.19 -10.45 -0.19
CA THR C 6 23.19 -9.98 -1.23
C THR C 6 21.88 -10.72 -1.20
N GLU C 7 21.96 -12.05 -1.21
CA GLU C 7 20.81 -12.88 -1.13
C GLU C 7 20.27 -12.75 0.36
N ILE C 8 21.18 -12.86 1.34
CA ILE C 8 20.82 -12.77 2.75
C ILE C 8 20.40 -11.36 3.16
N GLU C 9 20.93 -10.37 2.50
CA GLU C 9 20.57 -9.00 2.75
C GLU C 9 19.15 -8.72 2.34
N HIS C 10 18.75 -9.48 1.28
CA HIS C 10 17.53 -9.46 0.72
C HIS C 10 16.39 -10.19 1.54
N LEU C 11 16.70 -11.32 2.13
CA LEU C 11 15.89 -11.91 3.16
C LEU C 11 15.64 -10.91 4.34
N VAL C 12 16.69 -10.38 4.89
CA VAL C 12 16.61 -9.44 6.00
C VAL C 12 15.62 -8.30 5.70
N GLN C 13 15.91 -7.58 4.58
CA GLN C 13 15.10 -6.46 4.05
C GLN C 13 13.66 -6.84 3.76
N SER C 14 13.47 -7.97 3.14
CA SER C 14 12.12 -8.50 2.81
C SER C 14 11.27 -8.90 4.12
N VAL C 15 11.91 -9.49 5.11
CA VAL C 15 11.21 -9.84 6.27
C VAL C 15 10.79 -8.61 6.98
N CYS C 16 11.70 -7.63 7.13
CA CYS C 16 11.46 -6.38 7.78
C CYS C 16 10.31 -5.55 7.15
N LYS C 17 10.17 -5.71 5.80
CA LYS C 17 9.20 -5.08 5.03
C LYS C 17 7.85 -5.77 5.32
N SER C 18 7.82 -7.12 5.27
CA SER C 18 6.58 -7.88 5.55
C SER C 18 6.01 -7.63 7.04
N TYR C 19 6.81 -7.75 8.02
CA TYR C 19 6.44 -7.36 9.29
C TYR C 19 5.76 -5.95 9.25
N ARG C 20 6.48 -4.96 8.75
CA ARG C 20 5.99 -3.59 8.65
C ARG C 20 4.65 -3.47 7.93
N GLU C 21 4.42 -4.29 6.92
CA GLU C 21 3.18 -4.19 6.22
C GLU C 21 2.06 -5.01 6.87
N THR C 22 2.35 -5.61 8.01
CA THR C 22 1.42 -6.47 8.73
C THR C 22 1.29 -6.16 10.19
N CYS C 23 1.84 -5.03 10.66
CA CYS C 23 2.04 -4.81 12.12
C CYS C 23 0.77 -4.26 12.77
N GLN C 24 -0.27 -3.92 12.00
CA GLN C 24 -1.54 -3.47 12.61
C GLN C 24 -1.54 -2.15 13.34
N LEU C 25 -0.71 -1.97 14.38
CA LEU C 25 -0.55 -0.61 14.94
C LEU C 25 0.91 -0.21 14.75
N ARG C 26 1.10 1.05 14.27
CA ARG C 26 2.39 1.66 14.02
C ARG C 26 3.07 1.95 15.32
N LEU C 27 4.38 1.76 15.34
CA LEU C 27 5.16 2.04 16.53
C LEU C 27 5.01 3.44 17.05
N GLU C 28 5.13 4.33 16.05
CA GLU C 28 4.95 5.79 16.12
C GLU C 28 3.78 6.11 16.96
N ASP C 29 2.58 5.63 16.53
CA ASP C 29 1.30 5.79 17.25
C ASP C 29 1.24 5.20 18.68
N LEU C 30 1.68 3.96 18.93
CA LEU C 30 1.80 3.44 20.27
C LEU C 30 2.58 4.47 21.15
N LEU C 31 3.74 4.89 20.66
CA LEU C 31 4.64 5.72 21.44
C LEU C 31 4.04 7.11 21.74
N ARG C 32 3.35 7.65 20.75
CA ARG C 32 2.76 8.94 20.90
C ARG C 32 1.74 8.85 22.01
N GLN C 33 0.87 7.83 21.90
CA GLN C 33 -0.26 7.66 22.79
C GLN C 33 0.02 7.26 24.23
N ARG C 34 1.27 7.07 24.62
CA ARG C 34 1.62 6.64 25.92
C ARG C 34 1.02 7.60 26.99
N SER C 35 1.00 8.88 26.67
CA SER C 35 0.65 9.89 27.64
C SER C 35 -0.86 9.79 27.89
N ASN C 36 -1.56 9.06 27.00
CA ASN C 36 -2.97 8.88 27.12
C ASN C 36 -3.28 7.59 27.98
N ILE C 37 -3.56 7.84 29.25
CA ILE C 37 -3.78 6.83 30.33
C ILE C 37 -5.22 6.80 30.76
N PHE C 38 -5.83 5.60 30.90
CA PHE C 38 -7.24 5.53 31.27
C PHE C 38 -7.31 6.18 32.67
N SER C 39 -8.34 7.01 32.92
CA SER C 39 -8.65 7.50 34.31
C SER C 39 -9.17 6.35 35.17
N ARG C 40 -9.10 6.53 36.51
CA ARG C 40 -9.75 5.64 37.56
C ARG C 40 -11.21 5.31 37.25
N GLU C 41 -11.88 6.33 36.71
CA GLU C 41 -13.24 6.18 36.37
C GLU C 41 -13.35 5.19 35.27
N GLU C 42 -12.48 5.26 34.28
CA GLU C 42 -12.64 4.44 33.05
C GLU C 42 -12.14 2.99 33.34
N VAL C 43 -11.11 2.88 34.16
CA VAL C 43 -10.56 1.68 34.67
C VAL C 43 -11.70 0.89 35.36
N THR C 44 -12.35 1.54 36.33
CA THR C 44 -13.51 1.00 37.04
C THR C 44 -14.60 0.54 36.12
N GLY C 45 -14.85 1.28 35.05
CA GLY C 45 -15.87 0.84 34.07
C GLY C 45 -15.52 -0.45 33.26
N TYR C 46 -14.29 -0.69 33.07
CA TYR C 46 -13.85 -2.03 32.48
C TYR C 46 -13.99 -3.07 33.48
N GLN C 47 -13.66 -2.78 34.71
CA GLN C 47 -13.71 -3.83 35.75
C GLN C 47 -15.12 -4.23 36.04
N ARG C 48 -16.13 -3.34 35.72
CA ARG C 48 -17.48 -3.70 36.01
C ARG C 48 -18.00 -4.77 35.06
N LYS C 49 -17.38 -4.85 33.86
CA LYS C 49 -18.01 -5.68 32.86
C LYS C 49 -17.93 -7.08 33.24
N SER C 50 -18.80 -7.88 32.69
CA SER C 50 -18.77 -9.27 32.91
C SER C 50 -17.44 -9.75 32.24
N MET C 51 -16.99 -10.92 32.65
CA MET C 51 -15.96 -11.61 32.07
C MET C 51 -16.32 -11.92 30.65
N TRP C 52 -17.64 -12.15 30.40
CA TRP C 52 -18.08 -12.45 29.10
C TRP C 52 -17.97 -11.31 28.11
N GLU C 53 -18.18 -10.08 28.53
CA GLU C 53 -18.01 -8.90 27.75
C GLU C 53 -16.52 -8.64 27.49
N MET C 54 -15.70 -8.71 28.52
CA MET C 54 -14.24 -8.62 28.31
C MET C 54 -13.81 -9.66 27.28
N TRP C 55 -14.11 -10.91 27.47
CA TRP C 55 -13.81 -11.96 26.55
C TRP C 55 -14.20 -11.73 25.05
N GLU C 56 -15.40 -11.36 24.77
CA GLU C 56 -15.72 -11.09 23.42
C GLU C 56 -14.90 -9.82 22.84
N ARG C 57 -14.71 -8.73 23.56
CA ARG C 57 -13.78 -7.70 23.07
C ARG C 57 -12.32 -8.32 22.85
N CYS C 58 -11.83 -9.14 23.81
CA CYS C 58 -10.48 -9.66 23.82
C CYS C 58 -10.29 -10.71 22.75
N ALA C 59 -11.30 -11.57 22.52
CA ALA C 59 -11.31 -12.47 21.41
C ALA C 59 -11.41 -11.79 20.06
N HIS C 60 -12.06 -10.68 19.94
CA HIS C 60 -12.13 -10.03 18.71
C HIS C 60 -10.76 -9.41 18.33
N HIS C 61 -10.09 -8.73 19.30
CA HIS C 61 -8.68 -8.21 19.02
C HIS C 61 -7.70 -9.39 18.79
N LEU C 62 -7.82 -10.53 19.49
CA LEU C 62 -6.95 -11.68 19.26
C LEU C 62 -7.10 -12.29 17.83
N THR C 63 -8.30 -12.30 17.33
CA THR C 63 -8.55 -12.76 16.01
C THR C 63 -8.06 -11.71 14.98
N GLU C 64 -8.19 -10.45 15.20
CA GLU C 64 -7.62 -9.52 14.28
C GLU C 64 -6.08 -9.72 14.24
N ALA C 65 -5.45 -9.89 15.43
CA ALA C 65 -3.98 -10.05 15.44
C ALA C 65 -3.53 -11.43 14.84
N ILE C 66 -4.24 -12.48 15.03
CA ILE C 66 -3.79 -13.79 14.51
C ILE C 66 -3.77 -13.63 13.02
N GLN C 67 -4.84 -13.06 12.45
CA GLN C 67 -4.96 -12.86 11.13
C GLN C 67 -3.72 -12.14 10.54
N TYR C 68 -3.32 -11.00 11.11
CA TYR C 68 -2.10 -10.36 10.61
C TYR C 68 -0.83 -11.25 10.68
N VAL C 69 -0.76 -12.16 11.69
CA VAL C 69 0.35 -13.13 11.89
C VAL C 69 0.39 -14.14 10.69
N VAL C 70 -0.76 -14.68 10.40
CA VAL C 70 -0.89 -15.60 9.27
C VAL C 70 -0.50 -14.86 7.95
N GLU C 71 -0.85 -13.61 7.76
CA GLU C 71 -0.39 -12.84 6.64
C GLU C 71 1.11 -12.50 6.61
N PHE C 72 1.75 -12.26 7.79
CA PHE C 72 3.22 -12.08 7.88
C PHE C 72 3.89 -13.33 7.43
N ALA C 73 3.32 -14.49 7.81
CA ALA C 73 3.88 -15.70 7.55
C ALA C 73 3.90 -15.95 6.03
N LYS C 74 2.70 -15.82 5.41
CA LYS C 74 2.53 -16.03 4.04
C LYS C 74 3.45 -15.18 3.15
N ARG C 75 3.91 -14.02 3.57
CA ARG C 75 5.00 -13.37 2.89
C ARG C 75 6.47 -13.83 3.18
N LEU C 76 6.72 -14.82 4.03
CA LEU C 76 8.11 -15.28 4.32
C LEU C 76 8.46 -16.14 3.18
N SER C 77 9.60 -15.81 2.54
CA SER C 77 10.13 -16.61 1.46
C SER C 77 9.99 -18.04 1.77
N GLY C 78 9.20 -18.73 0.93
CA GLY C 78 9.22 -20.21 1.00
C GLY C 78 8.20 -20.68 2.01
N PHE C 79 7.49 -19.75 2.71
CA PHE C 79 6.41 -20.31 3.59
C PHE C 79 5.26 -20.89 2.74
N MET C 80 4.86 -20.17 1.66
CA MET C 80 3.81 -20.62 0.69
C MET C 80 4.12 -21.84 -0.12
N GLU C 81 5.38 -22.06 -0.48
CA GLU C 81 5.80 -23.29 -1.17
C GLU C 81 5.85 -24.52 -0.23
N LEU C 82 5.61 -24.34 1.08
CA LEU C 82 5.51 -25.55 1.99
C LEU C 82 4.27 -26.19 1.70
N CYS C 83 4.12 -27.42 2.13
CA CYS C 83 2.80 -28.04 1.97
C CYS C 83 1.74 -27.30 2.83
N GLN C 84 0.46 -27.53 2.55
CA GLN C 84 -0.61 -27.07 3.42
C GLN C 84 -0.59 -27.63 4.83
N ASN C 85 -0.27 -28.88 5.03
CA ASN C 85 -0.18 -29.44 6.41
C ASN C 85 0.89 -28.65 7.25
N ASP C 86 2.02 -28.45 6.62
CA ASP C 86 3.14 -27.87 7.31
C ASP C 86 2.80 -26.39 7.64
N GLN C 87 2.23 -25.67 6.68
CA GLN C 87 1.86 -24.32 6.92
C GLN C 87 1.04 -24.22 8.20
N ILE C 88 0.14 -25.20 8.36
CA ILE C 88 -0.83 -25.18 9.46
C ILE C 88 -0.20 -25.47 10.72
N VAL C 89 0.62 -26.56 10.74
CA VAL C 89 1.23 -27.00 11.96
C VAL C 89 2.16 -25.87 12.47
N LEU C 90 2.85 -25.21 11.58
CA LEU C 90 3.65 -23.98 12.00
C LEU C 90 2.91 -22.87 12.62
N LEU C 91 1.78 -22.55 12.06
CA LEU C 91 0.89 -21.41 12.59
C LEU C 91 0.19 -21.80 13.85
N LYS C 92 -0.25 -23.03 13.97
CA LYS C 92 -1.00 -23.50 15.18
C LYS C 92 -0.09 -23.37 16.29
N ALA C 93 1.14 -23.95 16.16
CA ALA C 93 2.16 -23.85 17.19
C ALA C 93 2.65 -22.40 17.57
N GLY C 94 2.75 -21.55 16.60
CA GLY C 94 3.47 -20.32 16.79
C GLY C 94 2.73 -19.01 16.68
N ALA C 95 1.56 -18.98 16.00
CA ALA C 95 0.87 -17.73 15.76
C ALA C 95 0.64 -16.95 17.10
N MET C 96 0.24 -17.67 18.16
CA MET C 96 -0.01 -17.08 19.48
C MET C 96 1.23 -16.66 20.22
N GLU C 97 2.35 -17.35 20.03
CA GLU C 97 3.68 -16.89 20.53
C GLU C 97 4.12 -15.63 19.83
N VAL C 98 3.87 -15.54 18.55
CA VAL C 98 4.15 -14.20 17.81
C VAL C 98 3.31 -13.09 18.35
N VAL C 99 2.04 -13.33 18.68
CA VAL C 99 1.17 -12.20 19.08
C VAL C 99 1.67 -11.74 20.46
N LEU C 100 2.10 -12.68 21.32
CA LEU C 100 2.59 -12.35 22.60
C LEU C 100 3.86 -11.48 22.51
N VAL C 101 4.82 -11.92 21.68
CA VAL C 101 6.05 -11.01 21.47
C VAL C 101 5.63 -9.74 20.88
N ARG C 102 4.76 -9.70 19.86
CA ARG C 102 4.27 -8.38 19.36
C ARG C 102 3.60 -7.43 20.43
N MET C 103 3.06 -7.99 21.49
CA MET C 103 2.50 -7.13 22.56
C MET C 103 3.48 -6.21 23.12
N CYS C 104 4.76 -6.62 23.23
CA CYS C 104 5.76 -5.77 23.91
C CYS C 104 5.90 -4.35 23.33
N ARG C 105 5.48 -4.17 22.08
CA ARG C 105 5.44 -2.86 21.52
C ARG C 105 4.51 -1.93 22.21
N ALA C 106 3.39 -2.49 22.74
CA ALA C 106 2.31 -1.78 23.17
C ALA C 106 2.37 -1.68 24.67
N TYR C 107 3.45 -2.09 25.26
CA TYR C 107 3.71 -2.00 26.61
C TYR C 107 4.72 -0.84 26.97
N ASN C 108 4.52 -0.24 28.15
CA ASN C 108 5.33 0.81 28.72
C ASN C 108 5.95 0.43 30.08
N ALA C 109 7.23 0.23 30.07
CA ALA C 109 7.94 -0.09 31.25
C ALA C 109 8.01 1.05 32.32
N ASP C 110 7.71 2.29 31.93
CA ASP C 110 7.72 3.36 32.88
C ASP C 110 6.62 3.24 33.93
N ASN C 111 5.38 3.24 33.46
CA ASN C 111 4.22 3.21 34.34
C ASN C 111 3.47 1.88 34.38
N ARG C 112 4.01 0.88 33.67
CA ARG C 112 3.56 -0.44 33.67
C ARG C 112 2.16 -0.64 33.08
N THR C 113 1.91 -0.02 31.95
CA THR C 113 0.72 -0.05 31.27
C THR C 113 0.84 -0.71 29.84
N VAL C 114 -0.31 -1.04 29.27
CA VAL C 114 -0.45 -1.66 27.96
C VAL C 114 -1.42 -0.83 27.26
N PHE C 115 -1.25 -0.56 25.96
CA PHE C 115 -2.28 0.11 25.15
C PHE C 115 -3.44 -0.90 24.90
N PHE C 116 -4.67 -0.49 25.16
CA PHE C 116 -5.88 -1.31 24.98
C PHE C 116 -7.11 -0.49 24.61
N GLU C 117 -7.71 -0.78 23.49
CA GLU C 117 -8.87 -0.04 22.90
C GLU C 117 -8.72 1.51 23.10
N GLY C 118 -7.65 2.07 22.54
CA GLY C 118 -7.45 3.56 22.48
C GLY C 118 -6.56 4.09 23.54
N LYS C 119 -6.36 3.43 24.70
CA LYS C 119 -5.52 4.03 25.75
C LYS C 119 -4.74 3.04 26.44
N TYR C 120 -3.82 3.52 27.26
CA TYR C 120 -3.01 2.71 28.18
C TYR C 120 -3.73 2.49 29.53
N GLY C 121 -3.65 1.28 30.07
CA GLY C 121 -4.22 0.93 31.35
C GLY C 121 -3.33 -0.10 31.95
N GLY C 122 -3.38 -0.21 33.28
CA GLY C 122 -2.67 -1.21 34.06
C GLY C 122 -3.30 -2.59 34.05
N MET C 123 -2.72 -3.54 34.79
CA MET C 123 -3.15 -4.87 34.78
C MET C 123 -4.54 -5.04 35.35
N GLU C 124 -4.81 -4.19 36.33
CA GLU C 124 -6.12 -4.03 36.98
C GLU C 124 -7.32 -3.73 35.98
N LEU C 125 -7.04 -3.18 34.83
CA LEU C 125 -8.03 -3.08 33.81
C LEU C 125 -8.68 -4.39 33.42
N PHE C 126 -8.04 -5.54 33.66
CA PHE C 126 -8.53 -6.82 33.21
C PHE C 126 -9.02 -7.69 34.32
N ARG C 127 -9.26 -7.15 35.50
CA ARG C 127 -9.70 -7.92 36.66
C ARG C 127 -10.88 -8.77 36.46
N ALA C 128 -11.95 -8.28 35.75
CA ALA C 128 -13.14 -9.14 35.43
C ALA C 128 -12.88 -10.54 34.84
N LEU C 129 -11.75 -10.72 34.17
CA LEU C 129 -11.42 -12.03 33.60
C LEU C 129 -10.99 -13.01 34.60
N GLY C 130 -10.62 -12.54 35.79
CA GLY C 130 -10.12 -13.35 36.87
C GLY C 130 -8.92 -14.20 36.57
N CYS C 131 -8.01 -13.64 35.79
CA CYS C 131 -6.83 -14.34 35.29
C CYS C 131 -5.53 -13.57 35.73
N SER C 132 -5.53 -13.13 36.99
CA SER C 132 -4.44 -12.43 37.68
C SER C 132 -3.04 -13.00 37.36
N GLU C 133 -2.87 -14.29 37.50
CA GLU C 133 -1.56 -14.94 37.44
C GLU C 133 -1.11 -14.85 36.08
N LEU C 134 -1.91 -15.29 35.12
CA LEU C 134 -1.62 -15.09 33.76
C LEU C 134 -1.32 -13.64 33.33
N ILE C 135 -2.24 -12.74 33.46
CA ILE C 135 -1.99 -11.33 33.05
C ILE C 135 -0.68 -10.79 33.62
N SER C 136 -0.46 -11.11 34.91
CA SER C 136 0.82 -10.68 35.55
C SER C 136 2.08 -11.34 34.90
N SER C 137 2.06 -12.61 34.50
CA SER C 137 3.17 -13.29 33.74
C SER C 137 3.37 -12.53 32.41
N ILE C 138 2.28 -12.17 31.75
CA ILE C 138 2.39 -11.50 30.38
C ILE C 138 2.99 -10.17 30.62
N PHE C 139 2.53 -9.39 31.59
CA PHE C 139 3.11 -8.04 31.72
C PHE C 139 4.68 -8.20 32.09
N ASP C 140 5.06 -9.22 32.90
CA ASP C 140 6.49 -9.53 33.22
C ASP C 140 7.23 -9.93 31.98
N PHE C 141 6.58 -10.59 31.03
CA PHE C 141 7.28 -10.98 29.83
C PHE C 141 7.48 -9.83 28.90
N SER C 142 6.47 -9.01 28.76
CA SER C 142 6.58 -7.79 28.04
C SER C 142 7.61 -6.79 28.62
N HIS C 143 7.63 -6.72 29.97
CA HIS C 143 8.60 -5.88 30.73
C HIS C 143 10.03 -6.29 30.43
N SER C 144 10.31 -7.60 30.47
CA SER C 144 11.64 -8.13 30.28
C SER C 144 12.10 -8.02 28.82
N LEU C 145 11.16 -7.83 27.84
CA LEU C 145 11.44 -7.55 26.42
C LEU C 145 11.53 -6.15 26.08
N SER C 146 10.77 -5.33 26.77
CA SER C 146 10.85 -3.90 26.61
C SER C 146 12.24 -3.37 26.91
N ALA C 147 12.94 -3.95 27.89
CA ALA C 147 14.14 -3.42 28.52
C ALA C 147 15.41 -3.60 27.64
N LEU C 148 15.30 -4.54 26.71
CA LEU C 148 16.14 -4.67 25.56
C LEU C 148 15.95 -3.56 24.39
N HIS C 149 14.90 -2.73 24.47
CA HIS C 149 14.64 -1.82 23.45
C HIS C 149 14.67 -2.47 22.08
N PHE C 150 14.04 -3.59 21.92
CA PHE C 150 13.84 -4.25 20.61
C PHE C 150 13.46 -3.34 19.47
N SER C 151 14.27 -3.29 18.40
CA SER C 151 13.83 -2.59 17.19
C SER C 151 12.75 -3.26 16.41
N GLU C 152 12.12 -2.56 15.47
CA GLU C 152 11.09 -3.23 14.71
C GLU C 152 11.66 -4.28 13.88
N ASP C 153 12.87 -4.07 13.31
CA ASP C 153 13.46 -5.11 12.46
C ASP C 153 13.90 -6.34 13.18
N GLU C 154 14.33 -6.19 14.43
CA GLU C 154 14.70 -7.34 15.33
C GLU C 154 13.49 -8.15 15.62
N ILE C 155 12.46 -7.53 16.13
CA ILE C 155 11.14 -8.20 16.18
C ILE C 155 10.72 -8.90 14.93
N ALA C 156 10.96 -8.38 13.76
CA ALA C 156 10.54 -9.12 12.54
C ALA C 156 11.27 -10.33 12.36
N LEU C 157 12.57 -10.22 12.58
CA LEU C 157 13.38 -11.39 12.38
C LEU C 157 13.19 -12.42 13.52
N TYR C 158 13.10 -11.95 14.73
CA TYR C 158 12.84 -12.93 15.88
C TYR C 158 11.52 -13.73 15.67
N THR C 159 10.54 -12.96 15.22
CA THR C 159 9.27 -13.38 15.18
C THR C 159 9.22 -14.32 13.96
N ALA C 160 9.95 -14.05 12.87
CA ALA C 160 9.94 -15.03 11.78
C ALA C 160 10.46 -16.31 12.28
N LEU C 161 11.45 -16.33 13.19
CA LEU C 161 12.01 -17.58 13.69
C LEU C 161 11.13 -18.30 14.73
N VAL C 162 10.28 -17.59 15.41
CA VAL C 162 9.31 -18.23 16.24
C VAL C 162 8.36 -19.12 15.43
N LEU C 163 7.95 -18.63 14.22
CA LEU C 163 7.13 -19.42 13.31
C LEU C 163 7.90 -20.49 12.60
N ILE C 164 8.98 -20.12 11.90
CA ILE C 164 9.77 -21.11 11.11
C ILE C 164 10.79 -21.86 12.04
N ASN C 165 10.28 -22.94 12.63
CA ASN C 165 10.91 -23.85 13.57
C ASN C 165 10.75 -25.28 13.10
N ALA C 166 11.86 -25.90 12.75
CA ALA C 166 11.79 -27.32 12.37
C ALA C 166 11.47 -28.32 13.38
N HIS C 167 11.38 -27.98 14.67
CA HIS C 167 11.23 -28.96 15.71
C HIS C 167 9.75 -29.12 16.08
N ARG C 168 8.82 -28.45 15.35
CA ARG C 168 7.43 -28.57 15.73
C ARG C 168 6.97 -30.01 15.45
N PRO C 169 6.34 -30.68 16.43
CA PRO C 169 5.69 -32.03 16.11
C PRO C 169 4.82 -32.06 14.90
N GLY C 170 4.85 -33.16 14.13
CA GLY C 170 3.80 -33.44 13.14
C GLY C 170 4.11 -32.95 11.74
N LEU C 171 5.33 -32.39 11.56
CA LEU C 171 5.74 -31.86 10.26
C LEU C 171 6.16 -32.98 9.32
N GLN C 172 5.92 -32.77 8.05
CA GLN C 172 6.08 -33.84 7.08
C GLN C 172 7.43 -33.60 6.45
N GLU C 173 7.52 -32.48 5.73
CA GLU C 173 8.74 -32.05 5.04
C GLU C 173 9.66 -31.29 6.00
N LYS C 174 10.00 -31.94 7.14
CA LYS C 174 10.97 -31.47 8.12
C LYS C 174 12.17 -30.71 7.48
N ARG C 175 12.77 -31.29 6.45
CA ARG C 175 14.06 -30.79 5.92
C ARG C 175 13.88 -29.48 5.17
N LYS C 176 12.67 -29.27 4.61
CA LYS C 176 12.43 -27.97 4.02
C LYS C 176 12.31 -26.86 5.05
N VAL C 177 11.64 -27.14 6.15
CA VAL C 177 11.51 -26.16 7.27
C VAL C 177 12.89 -25.78 7.88
N GLU C 178 13.72 -26.84 8.08
CA GLU C 178 15.14 -26.69 8.56
C GLU C 178 15.85 -25.79 7.83
N GLN C 179 15.70 -25.91 6.47
CA GLN C 179 16.48 -25.04 5.52
C GLN C 179 16.03 -23.63 5.59
N LEU C 180 14.68 -23.43 5.71
CA LEU C 180 14.09 -22.03 5.84
C LEU C 180 14.40 -21.41 7.17
N GLN C 181 14.41 -22.22 8.25
CA GLN C 181 14.90 -21.79 9.64
C GLN C 181 16.28 -21.30 9.61
N TYR C 182 17.14 -22.08 8.98
CA TYR C 182 18.63 -21.78 8.86
C TYR C 182 18.87 -20.57 8.14
N ASN C 183 18.20 -20.39 6.99
CA ASN C 183 18.35 -19.10 6.24
C ASN C 183 18.02 -17.89 6.90
N LEU C 184 16.99 -18.00 7.70
CA LEU C 184 16.47 -16.90 8.48
C LEU C 184 17.41 -16.68 9.69
N GLU C 185 17.88 -17.74 10.32
CA GLU C 185 18.97 -17.57 11.38
C GLU C 185 20.21 -16.88 10.81
N LEU C 186 20.55 -17.18 9.63
CA LEU C 186 21.64 -16.45 8.96
C LEU C 186 21.41 -14.97 8.79
N ALA C 187 20.21 -14.66 8.28
CA ALA C 187 19.76 -13.28 8.21
C ALA C 187 19.79 -12.53 9.44
N PHE C 188 19.17 -13.10 10.47
CA PHE C 188 19.06 -12.38 11.70
C PHE C 188 20.48 -12.14 12.29
N HIS C 189 21.40 -13.15 12.22
CA HIS C 189 22.71 -13.02 12.87
C HIS C 189 23.51 -12.12 12.03
N HIS C 190 23.39 -12.16 10.68
CA HIS C 190 24.02 -11.14 9.79
C HIS C 190 23.61 -9.73 10.10
N HIS C 191 22.28 -9.51 10.26
CA HIS C 191 21.78 -8.17 10.51
C HIS C 191 22.02 -7.69 11.90
N LEU C 192 22.04 -8.66 12.87
CA LEU C 192 22.64 -8.30 14.20
C LEU C 192 24.04 -7.81 14.20
N CYS C 193 24.94 -8.42 13.42
CA CYS C 193 26.31 -7.87 13.27
C CYS C 193 26.35 -6.54 12.59
N LYS C 194 25.76 -6.39 11.42
CA LYS C 194 25.69 -5.00 10.77
C LYS C 194 25.18 -3.85 11.66
N THR C 195 24.19 -4.09 12.54
CA THR C 195 23.68 -3.11 13.38
C THR C 195 24.38 -3.10 14.74
N HIS C 196 25.38 -3.94 14.98
CA HIS C 196 26.19 -3.92 16.32
C HIS C 196 25.26 -4.31 17.44
N ARG C 197 24.33 -5.25 17.18
CA ARG C 197 23.39 -5.63 18.22
C ARG C 197 23.62 -7.15 18.56
N GLN C 198 24.84 -7.57 18.50
CA GLN C 198 25.28 -8.93 18.86
C GLN C 198 24.78 -9.33 20.28
N SER C 199 24.71 -8.34 21.20
CA SER C 199 24.44 -8.48 22.48
C SER C 199 22.98 -8.85 22.90
N ILE C 200 22.07 -8.86 21.96
CA ILE C 200 20.72 -9.18 22.23
C ILE C 200 20.50 -10.68 22.18
N LEU C 201 21.29 -11.47 21.43
CA LEU C 201 21.04 -12.90 21.40
C LEU C 201 21.02 -13.54 22.75
N ALA C 202 21.93 -13.17 23.64
CA ALA C 202 21.96 -13.80 24.91
C ALA C 202 20.80 -13.33 25.81
N LYS C 203 20.30 -12.14 25.53
CA LYS C 203 19.29 -11.58 26.40
C LYS C 203 17.83 -11.91 26.01
N LEU C 204 17.63 -12.62 24.90
CA LEU C 204 16.35 -12.95 24.49
C LEU C 204 15.79 -13.94 25.42
N PRO C 205 14.45 -14.08 25.43
CA PRO C 205 13.91 -15.19 26.24
C PRO C 205 14.33 -16.54 25.63
N PRO C 206 14.70 -17.46 26.46
CA PRO C 206 14.75 -18.81 25.93
C PRO C 206 13.40 -19.23 25.33
N LYS C 207 13.47 -19.87 24.14
CA LYS C 207 12.43 -20.81 23.72
C LYS C 207 12.38 -21.73 24.96
N GLY C 208 11.17 -21.91 25.41
CA GLY C 208 10.85 -22.70 26.53
C GLY C 208 9.88 -21.82 27.29
N LYS C 209 10.28 -20.55 27.51
CA LYS C 209 9.60 -19.63 28.34
C LYS C 209 8.50 -19.05 27.61
N LEU C 210 8.77 -18.68 26.36
CA LEU C 210 7.82 -18.15 25.49
C LEU C 210 6.74 -19.28 25.19
N ARG C 211 7.22 -20.46 24.94
CA ARG C 211 6.35 -21.58 24.70
C ARG C 211 5.60 -21.95 25.89
N SER C 212 6.20 -21.85 27.06
CA SER C 212 5.45 -22.28 28.26
C SER C 212 4.45 -21.21 28.72
N LEU C 213 4.73 -19.98 28.39
CA LEU C 213 3.79 -18.92 28.70
C LEU C 213 2.62 -19.06 27.74
N CYS C 214 2.80 -19.57 26.52
CA CYS C 214 1.67 -19.64 25.58
C CYS C 214 0.86 -20.85 25.82
N SER C 215 1.45 -21.96 26.31
CA SER C 215 0.65 -23.06 26.76
C SER C 215 -0.42 -22.54 27.79
N GLN C 216 0.00 -21.83 28.83
CA GLN C 216 -0.85 -21.28 29.91
C GLN C 216 -1.93 -20.31 29.41
N HIS C 217 -1.48 -19.34 28.59
CA HIS C 217 -2.35 -18.47 27.84
C HIS C 217 -3.39 -19.25 27.07
N VAL C 218 -2.93 -20.17 26.19
CA VAL C 218 -3.82 -20.96 25.31
C VAL C 218 -4.84 -21.78 26.07
N GLU C 219 -4.43 -22.48 27.14
CA GLU C 219 -5.29 -23.10 28.15
C GLU C 219 -6.44 -22.15 28.66
N ARG C 220 -6.07 -20.90 28.98
CA ARG C 220 -7.05 -19.90 29.34
C ARG C 220 -8.07 -19.58 28.19
N LEU C 221 -7.60 -19.33 26.97
CA LEU C 221 -8.45 -18.97 25.93
C LEU C 221 -9.48 -20.09 25.52
N GLN C 222 -9.07 -21.35 25.61
CA GLN C 222 -9.75 -22.46 25.19
C GLN C 222 -10.96 -22.63 26.09
N ILE C 223 -10.81 -22.30 27.37
CA ILE C 223 -11.94 -22.35 28.30
C ILE C 223 -13.03 -21.26 27.93
N PHE C 224 -12.61 -20.01 27.78
CA PHE C 224 -13.57 -18.99 27.34
C PHE C 224 -14.60 -19.27 26.14
N SER D 4 -33.54 -44.06 16.03
CA SER D 4 -34.99 -44.12 15.52
C SER D 4 -35.62 -42.76 14.98
N LEU D 5 -36.87 -42.81 14.52
CA LEU D 5 -37.65 -41.62 14.08
C LEU D 5 -37.41 -40.38 15.02
N THR D 6 -37.40 -40.65 16.34
CA THR D 6 -37.28 -39.59 17.36
C THR D 6 -35.88 -38.90 17.26
N GLU D 7 -34.83 -39.68 17.08
CA GLU D 7 -33.48 -39.26 16.97
C GLU D 7 -33.12 -38.50 15.59
N ILE D 8 -33.83 -38.89 14.52
CA ILE D 8 -33.64 -38.27 13.25
C ILE D 8 -34.40 -36.96 13.26
N GLU D 9 -35.56 -36.98 13.90
CA GLU D 9 -36.31 -35.82 14.08
C GLU D 9 -35.56 -34.68 14.84
N HIS D 10 -34.74 -35.12 15.78
CA HIS D 10 -33.84 -34.27 16.53
C HIS D 10 -32.71 -33.74 15.66
N LEU D 11 -32.28 -34.54 14.71
CA LEU D 11 -31.26 -34.17 13.80
C LEU D 11 -31.83 -33.04 12.86
N VAL D 12 -33.03 -33.20 12.42
CA VAL D 12 -33.69 -32.29 11.51
C VAL D 12 -33.77 -30.91 12.24
N GLN D 13 -34.45 -30.96 13.39
CA GLN D 13 -34.65 -29.74 14.15
C GLN D 13 -33.31 -29.07 14.46
N SER D 14 -32.35 -29.85 14.82
CA SER D 14 -31.07 -29.32 15.12
C SER D 14 -30.30 -28.57 13.95
N VAL D 15 -30.29 -29.22 12.77
CA VAL D 15 -29.82 -28.69 11.62
C VAL D 15 -30.60 -27.44 11.22
N CYS D 16 -31.90 -27.38 11.31
CA CYS D 16 -32.67 -26.23 11.01
C CYS D 16 -32.46 -25.01 11.96
N LYS D 17 -32.13 -25.31 13.19
CA LYS D 17 -31.77 -24.32 14.11
C LYS D 17 -30.44 -23.74 13.75
N SER D 18 -29.45 -24.63 13.57
CA SER D 18 -28.05 -24.18 13.23
C SER D 18 -28.01 -23.20 12.06
N TYR D 19 -28.69 -23.49 11.03
CA TYR D 19 -28.83 -22.61 9.88
C TYR D 19 -29.56 -21.23 10.26
N ARG D 20 -30.64 -21.34 11.01
CA ARG D 20 -31.33 -20.22 11.39
C ARG D 20 -30.36 -19.25 12.19
N GLU D 21 -29.45 -19.81 12.96
CA GLU D 21 -28.55 -19.13 13.75
C GLU D 21 -27.28 -18.68 13.03
N THR D 22 -27.16 -18.94 11.73
CA THR D 22 -25.97 -18.71 10.99
C THR D 22 -26.25 -18.19 9.65
N CYS D 23 -27.51 -17.80 9.32
CA CYS D 23 -27.86 -17.51 7.90
C CYS D 23 -27.54 -16.10 7.55
N GLN D 24 -27.12 -15.24 8.54
CA GLN D 24 -26.59 -13.89 8.26
C GLN D 24 -27.53 -12.72 7.92
N LEU D 25 -28.40 -12.94 6.94
CA LEU D 25 -29.51 -12.02 6.66
C LEU D 25 -30.89 -12.79 6.80
N ARG D 26 -31.76 -12.31 7.67
CA ARG D 26 -33.07 -12.88 7.87
C ARG D 26 -33.87 -12.87 6.62
N LEU D 27 -34.49 -14.03 6.28
CA LEU D 27 -35.38 -14.12 5.17
C LEU D 27 -36.44 -13.06 5.07
N GLU D 28 -37.03 -12.75 6.21
CA GLU D 28 -38.15 -11.74 6.28
C GLU D 28 -37.66 -10.34 5.81
N ASP D 29 -36.54 -9.86 6.35
CA ASP D 29 -35.84 -8.64 5.84
C ASP D 29 -35.60 -8.70 4.31
N LEU D 30 -35.00 -9.78 3.81
CA LEU D 30 -34.79 -9.81 2.43
C LEU D 30 -36.08 -9.56 1.66
N LEU D 31 -37.18 -10.22 2.08
CA LEU D 31 -38.45 -10.18 1.33
C LEU D 31 -39.10 -8.80 1.49
N ARG D 32 -38.84 -8.12 2.57
CA ARG D 32 -39.37 -6.81 2.79
C ARG D 32 -38.65 -5.88 1.79
N GLN D 33 -37.31 -5.98 1.80
CA GLN D 33 -36.47 -5.11 1.06
C GLN D 33 -36.55 -5.30 -0.45
N ARG D 34 -37.43 -6.10 -0.96
CA ARG D 34 -37.62 -6.13 -2.38
C ARG D 34 -38.34 -4.86 -2.93
N SER D 35 -38.66 -3.88 -2.07
CA SER D 35 -39.21 -2.57 -2.47
C SER D 35 -38.10 -1.66 -3.07
N ASN D 36 -36.98 -1.52 -2.37
CA ASN D 36 -35.90 -0.57 -2.84
C ASN D 36 -34.84 -1.17 -3.83
N ILE D 37 -35.19 -0.99 -5.09
CA ILE D 37 -34.47 -1.37 -6.22
C ILE D 37 -33.46 -0.18 -6.37
N PHE D 38 -32.12 -0.47 -6.62
CA PHE D 38 -31.07 0.56 -6.86
C PHE D 38 -31.57 1.50 -8.02
N SER D 39 -31.47 2.84 -7.82
CA SER D 39 -31.88 3.82 -8.94
C SER D 39 -30.93 3.67 -10.19
N ARG D 40 -31.39 4.12 -11.34
CA ARG D 40 -30.53 4.18 -12.51
C ARG D 40 -29.20 4.96 -12.17
N GLU D 41 -29.24 6.04 -11.44
CA GLU D 41 -27.94 6.66 -11.01
C GLU D 41 -27.08 5.82 -10.02
N GLU D 42 -27.71 4.98 -9.25
CA GLU D 42 -26.94 4.20 -8.29
C GLU D 42 -26.17 3.03 -8.97
N VAL D 43 -26.79 2.44 -9.93
CA VAL D 43 -26.24 1.40 -10.77
C VAL D 43 -24.95 1.97 -11.51
N THR D 44 -25.11 3.08 -12.23
CA THR D 44 -24.01 3.90 -12.78
C THR D 44 -22.91 4.17 -11.77
N GLY D 45 -23.25 4.50 -10.52
CA GLY D 45 -22.15 4.63 -9.60
C GLY D 45 -21.30 3.37 -9.36
N TYR D 46 -21.95 2.21 -9.37
CA TYR D 46 -21.31 0.92 -9.14
C TYR D 46 -20.55 0.48 -10.35
N GLN D 47 -21.14 0.78 -11.52
CA GLN D 47 -20.55 0.48 -12.82
C GLN D 47 -19.29 1.24 -13.07
N ARG D 48 -19.16 2.42 -12.47
CA ARG D 48 -17.96 3.24 -12.75
C ARG D 48 -16.79 2.79 -11.93
N LYS D 49 -16.99 2.07 -10.82
CA LYS D 49 -15.84 1.75 -10.02
C LYS D 49 -14.94 0.82 -10.66
N SER D 50 -13.73 0.82 -10.17
CA SER D 50 -12.77 -0.02 -10.66
C SER D 50 -13.18 -1.57 -10.40
N MET D 51 -12.83 -2.46 -11.30
CA MET D 51 -12.84 -3.84 -11.03
C MET D 51 -12.22 -4.16 -9.65
N TRP D 52 -11.22 -3.35 -9.23
CA TRP D 52 -10.45 -3.71 -8.05
C TRP D 52 -11.24 -3.30 -6.78
N GLU D 53 -11.95 -2.22 -6.84
CA GLU D 53 -12.81 -1.72 -5.89
C GLU D 53 -14.01 -2.74 -5.74
N MET D 54 -14.68 -3.07 -6.84
CA MET D 54 -15.77 -3.98 -6.76
C MET D 54 -15.32 -5.23 -6.00
N TRP D 55 -14.16 -5.76 -6.44
CA TRP D 55 -13.61 -6.89 -5.93
C TRP D 55 -13.21 -6.81 -4.49
N GLU D 56 -12.83 -5.62 -4.00
CA GLU D 56 -12.59 -5.53 -2.58
C GLU D 56 -13.89 -5.82 -1.82
N ARG D 57 -14.91 -5.10 -2.15
CA ARG D 57 -16.15 -5.25 -1.61
C ARG D 57 -16.65 -6.77 -1.65
N CYS D 58 -16.64 -7.38 -2.84
CA CYS D 58 -17.20 -8.71 -3.01
C CYS D 58 -16.39 -9.69 -2.22
N ALA D 59 -15.06 -9.62 -2.24
CA ALA D 59 -14.24 -10.49 -1.43
C ALA D 59 -14.52 -10.41 0.07
N HIS D 60 -14.74 -9.20 0.56
CA HIS D 60 -15.14 -9.00 1.88
C HIS D 60 -16.51 -9.79 2.17
N HIS D 61 -17.53 -9.57 1.34
CA HIS D 61 -18.83 -10.14 1.57
C HIS D 61 -18.70 -11.70 1.58
N LEU D 62 -17.89 -12.26 0.67
CA LEU D 62 -17.62 -13.65 0.56
C LEU D 62 -16.91 -14.22 1.66
N THR D 63 -16.00 -13.44 2.21
CA THR D 63 -15.25 -13.88 3.33
C THR D 63 -16.14 -14.11 4.51
N GLU D 64 -16.92 -13.13 4.84
CA GLU D 64 -17.92 -13.20 5.87
C GLU D 64 -18.92 -14.33 5.62
N ALA D 65 -19.36 -14.54 4.34
CA ALA D 65 -20.36 -15.64 4.08
C ALA D 65 -19.73 -16.97 4.35
N ILE D 66 -18.47 -17.10 4.01
CA ILE D 66 -17.71 -18.36 4.29
C ILE D 66 -17.62 -18.59 5.79
N GLN D 67 -17.24 -17.60 6.57
CA GLN D 67 -17.18 -17.74 8.06
C GLN D 67 -18.51 -18.36 8.58
N TYR D 68 -19.62 -17.96 8.07
CA TYR D 68 -20.91 -18.44 8.48
C TYR D 68 -21.20 -19.81 8.05
N VAL D 69 -20.79 -20.18 6.84
CA VAL D 69 -20.88 -21.58 6.47
C VAL D 69 -20.00 -22.40 7.30
N VAL D 70 -18.81 -21.95 7.56
CA VAL D 70 -17.99 -22.76 8.48
C VAL D 70 -18.76 -22.91 9.90
N GLU D 71 -19.38 -21.83 10.40
CA GLU D 71 -20.02 -21.97 11.75
C GLU D 71 -21.07 -22.97 11.70
N PHE D 72 -21.87 -23.04 10.60
CA PHE D 72 -22.91 -23.98 10.36
C PHE D 72 -22.49 -25.38 10.45
N ALA D 73 -21.39 -25.68 9.78
CA ALA D 73 -20.82 -27.02 9.72
C ALA D 73 -20.48 -27.43 11.09
N LYS D 74 -19.80 -26.52 11.82
CA LYS D 74 -19.28 -26.86 13.18
C LYS D 74 -20.47 -27.16 14.15
N ARG D 75 -21.61 -26.53 13.99
CA ARG D 75 -22.77 -27.00 14.69
C ARG D 75 -23.48 -28.30 14.21
N LEU D 76 -23.11 -28.93 13.09
CA LEU D 76 -23.77 -30.15 12.62
C LEU D 76 -23.20 -31.31 13.41
N SER D 77 -24.15 -32.16 13.86
CA SER D 77 -23.76 -33.29 14.80
C SER D 77 -22.74 -34.11 14.20
N GLY D 78 -21.66 -34.37 14.92
CA GLY D 78 -20.58 -35.22 14.36
C GLY D 78 -19.54 -34.60 13.51
N PHE D 79 -19.70 -33.37 13.10
CA PHE D 79 -18.76 -32.72 12.18
C PHE D 79 -17.50 -32.37 12.95
N MET D 80 -17.68 -31.77 14.12
CA MET D 80 -16.53 -31.50 15.00
C MET D 80 -15.73 -32.74 15.46
N GLU D 81 -16.31 -33.97 15.38
CA GLU D 81 -15.57 -35.21 15.80
C GLU D 81 -14.86 -35.89 14.68
N LEU D 82 -15.20 -35.59 13.45
CA LEU D 82 -14.34 -35.86 12.29
C LEU D 82 -13.03 -35.31 12.60
N CYS D 83 -11.97 -35.89 12.04
CA CYS D 83 -10.63 -35.32 12.29
C CYS D 83 -10.53 -33.99 11.52
N GLN D 84 -9.53 -33.22 11.90
CA GLN D 84 -9.29 -31.97 11.29
C GLN D 84 -9.10 -32.03 9.79
N ASN D 85 -8.20 -32.89 9.33
CA ASN D 85 -7.91 -33.00 7.91
C ASN D 85 -9.17 -33.10 7.06
N ASP D 86 -10.06 -33.98 7.49
CA ASP D 86 -11.32 -34.22 6.83
C ASP D 86 -12.25 -33.02 6.92
N GLN D 87 -12.34 -32.40 8.11
CA GLN D 87 -13.11 -31.09 8.28
C GLN D 87 -12.74 -30.13 7.21
N ILE D 88 -11.48 -30.00 7.09
CA ILE D 88 -10.90 -29.03 6.09
C ILE D 88 -11.28 -29.39 4.68
N VAL D 89 -11.07 -30.67 4.30
CA VAL D 89 -11.44 -31.18 2.97
C VAL D 89 -12.89 -30.97 2.69
N LEU D 90 -13.80 -31.23 3.66
CA LEU D 90 -15.26 -31.03 3.36
C LEU D 90 -15.55 -29.55 3.19
N LEU D 91 -14.95 -28.70 3.96
CA LEU D 91 -15.28 -27.22 3.81
C LEU D 91 -14.66 -26.63 2.61
N LYS D 92 -13.48 -27.06 2.28
CA LYS D 92 -12.77 -26.54 1.09
C LYS D 92 -13.50 -26.85 -0.16
N ALA D 93 -14.05 -28.01 -0.19
CA ALA D 93 -14.83 -28.47 -1.33
C ALA D 93 -16.25 -27.81 -1.41
N GLY D 94 -16.97 -27.72 -0.29
CA GLY D 94 -18.38 -27.35 -0.37
C GLY D 94 -18.78 -25.98 0.02
N ALA D 95 -17.89 -25.28 0.77
CA ALA D 95 -18.27 -24.02 1.41
C ALA D 95 -18.83 -23.03 0.45
N MET D 96 -18.23 -22.97 -0.72
CA MET D 96 -18.56 -21.96 -1.73
C MET D 96 -19.75 -22.45 -2.47
N GLU D 97 -19.83 -23.78 -2.72
CA GLU D 97 -21.11 -24.41 -3.12
C GLU D 97 -22.37 -24.07 -2.20
N VAL D 98 -22.19 -24.13 -0.86
CA VAL D 98 -23.22 -23.67 0.10
C VAL D 98 -23.49 -22.15 -0.06
N VAL D 99 -22.47 -21.30 -0.19
CA VAL D 99 -22.69 -19.89 -0.38
C VAL D 99 -23.53 -19.68 -1.63
N LEU D 100 -23.19 -20.33 -2.75
CA LEU D 100 -24.03 -20.19 -3.94
C LEU D 100 -25.53 -20.53 -3.66
N VAL D 101 -25.78 -21.71 -3.01
CA VAL D 101 -27.20 -22.17 -2.76
C VAL D 101 -27.86 -21.15 -1.79
N ARG D 102 -27.12 -20.60 -0.81
CA ARG D 102 -27.71 -19.54 0.10
C ARG D 102 -28.05 -18.28 -0.63
N MET D 103 -27.33 -17.93 -1.67
CA MET D 103 -27.70 -16.76 -2.53
C MET D 103 -29.05 -16.74 -3.12
N CYS D 104 -29.63 -17.93 -3.32
CA CYS D 104 -30.97 -17.97 -3.88
C CYS D 104 -32.00 -17.26 -3.04
N ARG D 105 -31.72 -17.08 -1.74
CA ARG D 105 -32.64 -16.39 -0.85
C ARG D 105 -32.70 -15.00 -0.99
N ALA D 106 -31.62 -14.40 -1.61
CA ALA D 106 -31.51 -12.96 -1.80
C ALA D 106 -31.89 -12.62 -3.29
N TYR D 107 -32.21 -13.57 -4.09
CA TYR D 107 -32.57 -13.33 -5.46
C TYR D 107 -34.11 -13.25 -5.59
N ASN D 108 -34.56 -12.26 -6.39
CA ASN D 108 -36.02 -11.96 -6.69
C ASN D 108 -36.26 -12.22 -8.16
N ALA D 109 -36.98 -13.32 -8.44
CA ALA D 109 -37.22 -13.78 -9.73
C ALA D 109 -38.29 -12.92 -10.45
N ASP D 110 -38.98 -12.02 -9.76
CA ASP D 110 -40.00 -11.14 -10.39
C ASP D 110 -39.36 -10.03 -11.22
N ASN D 111 -38.08 -9.74 -10.97
CA ASN D 111 -37.35 -8.64 -11.68
C ASN D 111 -35.88 -9.04 -12.12
N ARG D 112 -35.48 -10.31 -11.95
CA ARG D 112 -34.12 -10.71 -12.04
C ARG D 112 -33.11 -9.80 -11.27
N THR D 113 -33.41 -9.54 -10.02
CA THR D 113 -32.53 -8.79 -9.15
C THR D 113 -32.04 -9.54 -7.90
N VAL D 114 -30.95 -9.04 -7.36
CA VAL D 114 -30.30 -9.60 -6.23
C VAL D 114 -30.12 -8.57 -5.24
N PHE D 115 -30.19 -8.87 -3.98
CA PHE D 115 -29.81 -7.90 -2.95
C PHE D 115 -28.29 -7.83 -2.75
N PHE D 116 -27.72 -6.62 -2.87
CA PHE D 116 -26.25 -6.35 -2.70
C PHE D 116 -26.08 -4.94 -2.06
N GLU D 117 -25.42 -4.92 -0.96
CA GLU D 117 -25.18 -3.77 -0.20
C GLU D 117 -26.41 -2.86 0.02
N GLY D 118 -27.54 -3.43 0.49
CA GLY D 118 -28.57 -2.64 1.09
C GLY D 118 -29.58 -2.30 0.12
N LYS D 119 -29.50 -2.81 -1.14
CA LYS D 119 -30.64 -2.76 -2.08
C LYS D 119 -30.65 -3.85 -3.09
N TYR D 120 -31.69 -3.99 -3.92
CA TYR D 120 -31.85 -4.95 -5.07
C TYR D 120 -31.48 -4.41 -6.57
N GLY D 121 -30.72 -5.19 -7.34
CA GLY D 121 -30.01 -4.69 -8.56
C GLY D 121 -29.82 -5.83 -9.45
N GLY D 122 -29.94 -5.61 -10.73
CA GLY D 122 -29.65 -6.59 -11.72
C GLY D 122 -28.22 -6.91 -11.94
N MET D 123 -27.97 -7.89 -12.82
CA MET D 123 -26.73 -8.25 -13.37
C MET D 123 -25.73 -7.09 -13.69
N GLU D 124 -26.26 -6.08 -14.32
CA GLU D 124 -25.53 -4.91 -14.85
C GLU D 124 -24.85 -4.10 -13.71
N LEU D 125 -25.37 -4.21 -12.49
CA LEU D 125 -24.58 -3.70 -11.32
C LEU D 125 -23.06 -4.22 -11.18
N PHE D 126 -22.80 -5.43 -11.61
CA PHE D 126 -21.53 -6.00 -11.49
C PHE D 126 -20.64 -5.93 -12.76
N ARG D 127 -20.95 -5.07 -13.73
CA ARG D 127 -20.28 -4.92 -15.01
C ARG D 127 -18.78 -4.61 -14.97
N ALA D 128 -18.31 -3.78 -14.02
CA ALA D 128 -16.82 -3.62 -13.94
C ALA D 128 -16.01 -4.91 -13.66
N LEU D 129 -16.60 -5.93 -13.07
CA LEU D 129 -15.90 -7.20 -12.87
C LEU D 129 -15.52 -7.86 -14.12
N GLY D 130 -16.20 -7.57 -15.24
CA GLY D 130 -15.89 -8.16 -16.51
C GLY D 130 -16.03 -9.65 -16.60
N CYS D 131 -17.11 -10.19 -15.94
CA CYS D 131 -17.34 -11.62 -15.70
C CYS D 131 -18.80 -11.92 -16.04
N SER D 132 -19.27 -11.34 -17.13
CA SER D 132 -20.65 -11.36 -17.62
C SER D 132 -21.22 -12.84 -17.67
N GLU D 133 -20.44 -13.75 -18.26
CA GLU D 133 -20.84 -15.13 -18.39
C GLU D 133 -21.07 -15.78 -17.04
N LEU D 134 -20.10 -15.74 -16.18
CA LEU D 134 -20.21 -16.29 -14.85
C LEU D 134 -21.46 -15.68 -14.09
N ILE D 135 -21.53 -14.37 -14.07
CA ILE D 135 -22.55 -13.76 -13.28
C ILE D 135 -23.87 -14.23 -13.84
N SER D 136 -23.92 -14.19 -15.11
CA SER D 136 -25.04 -14.69 -15.87
C SER D 136 -25.46 -16.06 -15.44
N SER D 137 -24.53 -17.00 -15.44
CA SER D 137 -24.81 -18.33 -15.00
C SER D 137 -25.23 -18.40 -13.50
N ILE D 138 -24.63 -17.57 -12.64
CA ILE D 138 -25.12 -17.45 -11.28
C ILE D 138 -26.56 -17.00 -11.15
N PHE D 139 -26.94 -15.97 -11.86
CA PHE D 139 -28.36 -15.54 -11.86
C PHE D 139 -29.29 -16.63 -12.35
N ASP D 140 -28.90 -17.46 -13.32
CA ASP D 140 -29.87 -18.45 -13.92
C ASP D 140 -30.14 -19.60 -13.02
N PHE D 141 -29.07 -20.14 -12.45
CA PHE D 141 -29.09 -21.03 -11.31
C PHE D 141 -29.90 -20.51 -10.11
N SER D 142 -29.65 -19.31 -9.60
CA SER D 142 -30.57 -18.75 -8.65
C SER D 142 -32.05 -18.67 -9.11
N HIS D 143 -32.31 -18.52 -10.39
CA HIS D 143 -33.70 -18.42 -10.89
C HIS D 143 -34.40 -19.73 -10.84
N SER D 144 -33.71 -20.72 -11.31
CA SER D 144 -34.21 -22.06 -11.32
C SER D 144 -34.43 -22.53 -9.82
N LEU D 145 -33.60 -22.08 -8.89
CA LEU D 145 -33.86 -22.43 -7.45
C LEU D 145 -34.99 -21.74 -6.83
N SER D 146 -35.20 -20.47 -7.16
CA SER D 146 -36.36 -19.72 -6.67
C SER D 146 -37.76 -20.32 -7.11
N ALA D 147 -37.82 -21.07 -8.17
CA ALA D 147 -39.07 -21.72 -8.67
C ALA D 147 -39.52 -22.90 -7.78
N LEU D 148 -38.59 -23.56 -7.18
CA LEU D 148 -38.86 -24.48 -6.07
C LEU D 148 -39.44 -23.89 -4.80
N HIS D 149 -39.56 -22.55 -4.67
CA HIS D 149 -39.93 -22.02 -3.45
C HIS D 149 -39.47 -22.72 -2.12
N PHE D 150 -38.22 -23.00 -2.09
CA PHE D 150 -37.53 -23.50 -1.06
C PHE D 150 -37.86 -22.87 0.27
N SER D 151 -38.13 -23.76 1.27
CA SER D 151 -38.30 -23.22 2.59
C SER D 151 -36.99 -23.07 3.21
N GLU D 152 -36.90 -22.35 4.31
CA GLU D 152 -35.59 -22.26 5.02
C GLU D 152 -35.08 -23.57 5.56
N ASP D 153 -35.96 -24.45 5.97
CA ASP D 153 -35.53 -25.72 6.53
C ASP D 153 -35.07 -26.74 5.44
N GLU D 154 -35.69 -26.71 4.30
CA GLU D 154 -35.23 -27.42 3.06
C GLU D 154 -33.79 -26.98 2.68
N ILE D 155 -33.56 -25.72 2.65
CA ILE D 155 -32.23 -25.16 2.42
C ILE D 155 -31.30 -25.64 3.43
N ALA D 156 -31.71 -25.61 4.70
CA ALA D 156 -30.79 -26.07 5.72
C ALA D 156 -30.42 -27.44 5.55
N LEU D 157 -31.35 -28.31 5.22
CA LEU D 157 -30.97 -29.74 5.18
C LEU D 157 -30.15 -30.02 3.86
N TYR D 158 -30.56 -29.40 2.75
CA TYR D 158 -29.90 -29.54 1.49
C TYR D 158 -28.46 -29.08 1.55
N THR D 159 -28.19 -27.91 2.16
CA THR D 159 -26.88 -27.44 2.26
C THR D 159 -26.05 -28.29 3.15
N ALA D 160 -26.64 -28.84 4.23
CA ALA D 160 -25.84 -29.73 5.13
C ALA D 160 -25.38 -30.91 4.32
N LEU D 161 -26.18 -31.38 3.36
CA LEU D 161 -25.78 -32.42 2.45
C LEU D 161 -24.77 -32.00 1.38
N VAL D 162 -24.72 -30.70 1.00
CA VAL D 162 -23.75 -30.23 0.17
C VAL D 162 -22.41 -30.45 0.86
N LEU D 163 -22.37 -30.11 2.16
CA LEU D 163 -21.14 -30.20 2.93
C LEU D 163 -20.77 -31.63 3.25
N ILE D 164 -21.69 -32.40 3.86
CA ILE D 164 -21.37 -33.76 4.32
C ILE D 164 -21.52 -34.79 3.23
N ASN D 165 -20.43 -34.99 2.50
CA ASN D 165 -20.40 -35.75 1.31
C ASN D 165 -19.11 -36.63 1.38
N ALA D 166 -19.31 -37.97 1.60
CA ALA D 166 -18.24 -38.93 1.66
C ALA D 166 -17.37 -39.08 0.43
N HIS D 167 -17.76 -38.52 -0.72
CA HIS D 167 -17.13 -38.68 -2.06
C HIS D 167 -16.15 -37.55 -2.44
N ARG D 168 -15.93 -36.60 -1.54
CA ARG D 168 -14.87 -35.60 -1.80
C ARG D 168 -13.46 -36.32 -1.81
N PRO D 169 -12.70 -36.16 -2.90
CA PRO D 169 -11.33 -36.73 -2.88
C PRO D 169 -10.54 -36.17 -1.70
N GLY D 170 -9.88 -37.07 -0.94
CA GLY D 170 -8.89 -36.60 0.05
C GLY D 170 -9.28 -37.00 1.46
N LEU D 171 -10.39 -37.70 1.65
CA LEU D 171 -10.83 -38.06 2.98
C LEU D 171 -10.05 -39.22 3.54
N GLN D 172 -9.75 -39.13 4.82
CA GLN D 172 -8.93 -40.14 5.45
C GLN D 172 -9.76 -41.16 6.21
N GLU D 173 -10.74 -40.69 7.00
CA GLU D 173 -11.78 -41.55 7.59
C GLU D 173 -13.11 -41.50 6.86
N LYS D 174 -13.09 -41.73 5.56
CA LYS D 174 -14.28 -41.78 4.71
C LYS D 174 -15.53 -42.39 5.40
N ARG D 175 -15.36 -43.47 6.15
CA ARG D 175 -16.49 -44.18 6.77
C ARG D 175 -17.23 -43.35 7.81
N LYS D 176 -16.52 -42.47 8.49
CA LYS D 176 -17.17 -41.65 9.52
C LYS D 176 -18.06 -40.56 8.91
N VAL D 177 -17.71 -40.18 7.69
CA VAL D 177 -18.41 -39.17 6.91
C VAL D 177 -19.65 -39.78 6.30
N GLU D 178 -19.52 -41.00 5.76
CA GLU D 178 -20.61 -41.83 5.19
C GLU D 178 -21.62 -41.94 6.17
N GLN D 179 -21.22 -42.24 7.41
CA GLN D 179 -22.20 -42.39 8.50
C GLN D 179 -22.97 -41.10 8.81
N LEU D 180 -22.30 -39.93 8.70
CA LEU D 180 -22.99 -38.68 8.97
C LEU D 180 -23.89 -38.39 7.71
N GLN D 181 -23.36 -38.60 6.51
CA GLN D 181 -24.08 -38.34 5.31
C GLN D 181 -25.40 -39.16 5.23
N TYR D 182 -25.31 -40.47 5.55
CA TYR D 182 -26.47 -41.29 5.52
C TYR D 182 -27.59 -40.87 6.45
N ASN D 183 -27.24 -40.46 7.66
CA ASN D 183 -28.18 -39.91 8.61
C ASN D 183 -28.76 -38.63 8.16
N LEU D 184 -28.00 -37.76 7.50
CA LEU D 184 -28.58 -36.54 6.97
C LEU D 184 -29.46 -36.79 5.74
N GLU D 185 -29.18 -37.83 4.96
CA GLU D 185 -30.05 -38.12 3.78
C GLU D 185 -31.39 -38.59 4.26
N LEU D 186 -31.38 -39.48 5.24
CA LEU D 186 -32.64 -39.93 5.92
C LEU D 186 -33.40 -38.82 6.46
N ALA D 187 -32.79 -37.98 7.32
CA ALA D 187 -33.34 -36.73 7.81
C ALA D 187 -34.06 -35.84 6.74
N PHE D 188 -33.44 -35.65 5.65
CA PHE D 188 -34.04 -34.80 4.62
C PHE D 188 -35.25 -35.51 3.97
N HIS D 189 -35.11 -36.84 3.65
CA HIS D 189 -36.24 -37.60 3.12
C HIS D 189 -37.33 -37.58 4.06
N HIS D 190 -37.03 -37.92 5.33
CA HIS D 190 -38.15 -38.01 6.33
C HIS D 190 -38.89 -36.66 6.47
N HIS D 191 -38.15 -35.48 6.42
CA HIS D 191 -38.76 -34.20 6.65
C HIS D 191 -39.49 -33.75 5.44
N LEU D 192 -39.02 -34.09 4.25
CA LEU D 192 -39.90 -34.09 3.12
C LEU D 192 -41.14 -34.86 3.16
N CYS D 193 -41.12 -36.00 3.73
CA CYS D 193 -42.38 -36.76 3.99
C CYS D 193 -43.32 -36.11 5.04
N LYS D 194 -42.80 -35.64 6.18
CA LYS D 194 -43.67 -35.01 7.16
C LYS D 194 -44.27 -33.74 6.63
N THR D 195 -43.65 -33.10 5.62
CA THR D 195 -44.16 -31.83 5.14
C THR D 195 -44.89 -31.98 3.80
N HIS D 196 -45.06 -33.20 3.32
CA HIS D 196 -45.67 -33.45 1.96
C HIS D 196 -44.86 -32.76 0.79
N ARG D 197 -43.56 -32.58 0.93
CA ARG D 197 -42.71 -31.91 -0.04
C ARG D 197 -41.82 -32.84 -0.81
N GLN D 198 -42.14 -34.12 -0.87
CA GLN D 198 -41.26 -35.07 -1.49
C GLN D 198 -41.10 -34.83 -3.00
N SER D 199 -41.85 -33.91 -3.61
CA SER D 199 -41.74 -33.46 -4.98
C SER D 199 -40.51 -32.71 -5.26
N ILE D 200 -40.01 -31.95 -4.27
CA ILE D 200 -38.74 -31.20 -4.52
C ILE D 200 -37.50 -32.05 -4.82
N LEU D 201 -37.48 -33.30 -4.44
CA LEU D 201 -36.31 -34.20 -4.75
C LEU D 201 -35.94 -34.34 -6.26
N ALA D 202 -36.90 -34.45 -7.13
CA ALA D 202 -36.76 -34.47 -8.58
C ALA D 202 -36.41 -33.09 -9.20
N LYS D 203 -36.50 -31.99 -8.43
CA LYS D 203 -36.24 -30.64 -8.91
C LYS D 203 -34.86 -30.05 -8.43
N LEU D 204 -34.15 -30.75 -7.61
CA LEU D 204 -32.95 -30.34 -7.10
C LEU D 204 -31.91 -30.40 -8.18
N PRO D 205 -31.09 -29.36 -8.30
CA PRO D 205 -30.06 -29.51 -9.31
C PRO D 205 -29.27 -30.91 -9.29
N PRO D 206 -28.93 -31.41 -10.48
CA PRO D 206 -27.81 -32.27 -10.49
C PRO D 206 -26.69 -31.68 -9.60
N LYS D 207 -26.22 -32.54 -8.66
CA LYS D 207 -25.00 -32.33 -7.85
C LYS D 207 -23.78 -31.86 -8.70
N GLY D 208 -23.76 -32.36 -9.95
CA GLY D 208 -22.90 -31.96 -11.10
C GLY D 208 -22.92 -30.50 -11.46
N LYS D 209 -24.11 -29.92 -11.67
CA LYS D 209 -24.29 -28.50 -11.91
C LYS D 209 -23.64 -27.57 -10.89
N LEU D 210 -23.79 -27.94 -9.62
CA LEU D 210 -23.32 -27.14 -8.54
C LEU D 210 -21.74 -27.16 -8.42
N ARG D 211 -21.15 -28.36 -8.55
CA ARG D 211 -19.69 -28.55 -8.54
C ARG D 211 -19.11 -27.71 -9.60
N SER D 212 -19.66 -27.80 -10.80
CA SER D 212 -19.09 -27.13 -12.00
C SER D 212 -19.24 -25.58 -12.02
N LEU D 213 -20.29 -25.08 -11.44
CA LEU D 213 -20.49 -23.62 -11.28
C LEU D 213 -19.51 -23.10 -10.24
N CYS D 214 -19.33 -23.86 -9.17
CA CYS D 214 -18.47 -23.43 -8.10
C CYS D 214 -17.04 -23.40 -8.60
N SER D 215 -16.70 -24.39 -9.41
CA SER D 215 -15.39 -24.62 -10.02
C SER D 215 -15.10 -23.41 -10.92
N GLN D 216 -16.05 -23.09 -11.80
CA GLN D 216 -15.98 -21.84 -12.59
C GLN D 216 -15.73 -20.61 -11.67
N HIS D 217 -16.43 -20.53 -10.51
CA HIS D 217 -16.42 -19.34 -9.57
C HIS D 217 -15.03 -19.11 -8.92
N VAL D 218 -14.46 -20.24 -8.44
CA VAL D 218 -13.12 -20.29 -7.88
C VAL D 218 -12.14 -20.18 -9.03
C15 4Q3 E . -6.90 22.61 -11.66
C17 4Q3 E . -5.88 21.17 -9.94
O1 4Q3 E . -7.38 21.18 -5.85
C20 4Q3 E . -6.97 20.07 -5.86
C21 4Q3 E . -7.20 19.25 -4.56
N2 4Q3 E . -6.36 19.45 -6.91
C19 4Q3 E . -6.14 19.97 -8.17
C18 4Q3 E . -6.33 21.21 -8.69
N3 4Q3 E . -5.67 19.10 -9.08
N4 4Q3 E . -5.58 19.94 -10.18
C22 4Q3 E . -5.10 19.36 -11.43
C24 4Q3 E . -6.17 18.47 -11.79
C23 4Q3 E . -3.82 18.53 -11.15
C16 4Q3 E . -5.82 22.29 -10.95
C9 4Q3 E . -6.94 23.62 -12.62
N1 4Q3 E . -8.08 23.78 -13.34
C14 4Q3 E . -8.08 24.15 -14.79
C13 4Q3 E . -9.64 24.29 -15.04
C12 4Q3 E . -10.24 25.37 -14.11
C11 4Q3 E . -10.40 23.88 -13.80
C10 4Q3 E . -9.39 23.30 -12.82
C25 4Q3 E . -4.63 22.93 -11.13
C26 4Q3 E . -4.55 23.92 -12.14
C8 4Q3 E . -5.69 24.29 -12.91
N 4Q3 E . -5.58 25.38 -13.71
C7 4Q3 E . -6.39 26.52 -13.38
C 4Q3 E . -4.73 25.29 -14.69
O 4Q3 E . -4.29 24.18 -15.08
C1 4Q3 E . -4.29 26.61 -15.30
C6 4Q3 E . -3.20 27.46 -14.78
F 4Q3 E . -2.51 27.00 -13.73
C5 4Q3 E . -2.88 28.65 -15.40
C4 4Q3 E . -3.64 29.09 -16.50
C3 4Q3 E . -4.65 28.34 -17.02
C2 4Q3 E . -4.96 27.12 -16.44
CL 4Q3 E . -6.29 26.11 -16.96
C15 4Q3 F . 20.86 12.99 6.04
C17 4Q3 F . 19.14 14.58 5.46
O1 4Q3 F . 16.62 16.35 8.29
C20 4Q3 F . 16.57 17.36 7.57
C21 4Q3 F . 15.71 18.58 7.85
N2 4Q3 F . 17.24 17.43 6.45
C19 4Q3 F . 18.05 16.37 6.02
C18 4Q3 F . 18.31 15.05 6.41
N3 4Q3 F . 18.73 16.68 4.95
N4 4Q3 F . 19.46 15.51 4.63
C22 4Q3 F . 20.32 15.58 3.40
C24 4Q3 F . 21.26 16.68 3.71
C23 4Q3 F . 19.45 15.74 2.13
C16 4Q3 F . 19.72 13.29 5.35
C9 4Q3 F . 21.42 11.72 5.92
N1 4Q3 F . 22.63 11.57 6.51
C14 4Q3 F . 23.67 10.63 5.90
C13 4Q3 F . 24.80 10.81 6.94
C12 4Q3 F . 24.32 10.37 8.37
C11 4Q3 F . 24.41 11.80 8.01
C10 4Q3 F . 23.07 12.47 7.59
C25 4Q3 F . 18.96 12.35 4.59
C26 4Q3 F . 19.51 11.07 4.47
C8 4Q3 F . 20.75 10.68 5.09
N 4Q3 F . 21.07 9.35 4.94
C7 4Q3 F . 20.95 8.43 6.06
C 4Q3 F . 21.37 8.89 3.76
O 4Q3 F . 21.56 9.73 2.82
C1 4Q3 F . 21.43 7.37 3.64
C6 4Q3 F . 20.30 6.55 3.43
F 4Q3 F . 19.09 7.08 3.28
C5 4Q3 F . 20.44 5.19 3.37
C4 4Q3 F . 21.64 4.54 3.49
C3 4Q3 F . 22.78 5.24 3.72
C2 4Q3 F . 22.70 6.62 3.78
CL 4Q3 F . 24.17 7.53 4.21
C15 4Q3 G . -4.61 -7.60 24.78
C17 4Q3 G . -5.20 -6.81 22.58
O1 4Q3 G . -6.83 -2.93 22.06
C20 4Q3 G . -6.31 -2.93 20.90
C21 4Q3 G . -6.57 -1.83 19.92
N2 4Q3 G . -5.66 -4.00 20.36
C19 4Q3 G . -5.44 -5.14 21.13
C18 4Q3 G . -5.80 -5.61 22.41
N3 4Q3 G . -4.61 -6.02 20.59
N4 4Q3 G . -4.49 -7.03 21.52
C22 4Q3 G . -3.68 -8.23 21.27
C24 4Q3 G . -2.27 -7.92 21.50
C23 4Q3 G . -4.19 -9.05 20.07
C16 4Q3 G . -5.32 -7.77 23.63
C9 4Q3 G . -4.81 -8.46 25.84
N1 4Q3 G . -3.96 -8.27 26.84
C14 4Q3 G . -3.39 -9.48 27.59
C13 4Q3 G . -2.38 -8.74 28.56
C12 4Q3 G . -3.19 -7.83 29.46
C11 4Q3 G . -2.40 -7.24 28.32
C10 4Q3 G . -3.23 -6.99 27.05
C25 4Q3 G . -6.28 -8.84 23.46
C26 4Q3 G . -6.42 -9.74 24.50
C8 4Q3 G . -5.70 -9.64 25.70
N 4Q3 G . -6.03 -10.59 26.68
C7 4Q3 G . -6.54 -10.08 27.97
C 4Q3 G . -5.96 -11.89 26.46
O 4Q3 G . -5.23 -12.31 25.54
C1 4Q3 G . -6.70 -12.79 27.48
C6 4Q3 G . -8.12 -13.15 27.39
F 4Q3 G . -8.95 -12.78 26.28
C5 4Q3 G . -8.69 -13.94 28.39
C4 4Q3 G . -7.99 -14.38 29.54
C3 4Q3 G . -6.68 -14.04 29.73
C2 4Q3 G . -6.08 -13.22 28.73
CL 4Q3 G . -4.43 -12.72 29.01
C15 4Q3 H . -22.69 -11.21 -4.30
C17 4Q3 H . -22.55 -10.84 -1.81
O1 4Q3 H . -24.31 -7.32 -0.23
C20 4Q3 H . -24.21 -7.90 0.84
C21 4Q3 H . -24.50 -7.12 2.16
N2 4Q3 H . -23.85 -9.22 1.00
C19 4Q3 H . -23.30 -10.00 0.02
C18 4Q3 H . -22.98 -9.74 -1.27
N3 4Q3 H . -23.17 -11.29 0.34
N4 4Q3 H . -22.64 -11.78 -0.90
C22 4Q3 H . -22.33 -13.16 -1.03
C24 4Q3 H . -23.69 -13.82 -1.13
C23 4Q3 H . -21.62 -13.53 0.26
C16 4Q3 H . -21.96 -11.08 -3.15
C9 4Q3 H . -22.02 -11.51 -5.47
N1 4Q3 H . -22.76 -11.66 -6.57
C14 4Q3 H . -22.27 -12.41 -7.73
C13 4Q3 H . -23.62 -12.47 -8.56
C12 4Q3 H . -23.78 -11.06 -9.06
C11 4Q3 H . -24.69 -11.66 -7.97
C10 4Q3 H . -24.23 -11.33 -6.55
C25 4Q3 H . -20.57 -11.23 -3.12
C26 4Q3 H . -19.89 -11.50 -4.28
C8 4Q3 H . -20.55 -11.67 -5.48
N 4Q3 H . -19.74 -11.79 -6.61
C7 4Q3 H . -19.81 -10.63 -7.46
C 4Q3 H . -18.94 -12.81 -6.81
O 4Q3 H . -19.06 -13.85 -6.15
C1 4Q3 H . -17.91 -12.67 -7.94
C6 4Q3 H . -16.58 -12.04 -7.79
F 4Q3 H . -16.17 -11.59 -6.62
C5 4Q3 H . -15.73 -11.89 -8.86
C4 4Q3 H . -16.11 -12.29 -10.13
C3 4Q3 H . -17.34 -12.89 -10.35
C2 4Q3 H . -18.20 -13.08 -9.29
CL 4Q3 H . -19.80 -13.80 -9.53
#